data_9DAX
#
_entry.id   9DAX
#
_cell.length_a   1.00
_cell.length_b   1.00
_cell.length_c   1.00
_cell.angle_alpha   90.00
_cell.angle_beta   90.00
_cell.angle_gamma   90.00
#
_symmetry.space_group_name_H-M   'P 1'
#
loop_
_entity.id
_entity.type
_entity.pdbx_description
1 polymer 'Integrin alpha-IIb'
2 polymer 'Integrin beta-3'
3 non-polymer 'CALCIUM ION'
4 non-polymer 'MAGNESIUM ION'
5 water water
#
loop_
_entity_poly.entity_id
_entity_poly.type
_entity_poly.pdbx_seq_one_letter_code
_entity_poly.pdbx_strand_id
1 'polypeptide(L)'
;LNLDPVQLTFYAGPNGSQFGFSLDFHKDSHGRVAIVVGAPRTLGPSQEETGGVFLCPWRAEGGQCPSLLFDLRDETRNVG
SQTLQTFKARQGLGASVVSWSDVIVACAPWQHWNVLEKTEEAEKTPVGSCFLAQPESGRRAEYSPCRGNTLSRIYVENDF
SWDKRYCEAGFSSVVTQAGELVLGAPGGYYFLGLLAQAPVADIFSSYRPGILLWHVSSQSLSFDSSNPEYFDGYWGYSVA
VGEFDGDLNTTEYVVGAPTWSWTLGAVEILDSYYQRLHRLRGEQMASYFGHSVAVTDVNGDGRHDLLVGAPLYMESRADR
KLAEVGRVYLFLQPRGPHALGAPSLLLTGTQLYGRFGSAIAPLGDLDRDGYNDIAVAAPYGGPSGRGQVLVFLGQSEGLR
SRPSQVLDSPFPTGSAFGFSLRGAVDIDDNGYPDLIVGAYGANQVAVYRAQPVVKASVQLLVQDSLNPAVKSCVLPQTKT
PVSCFNIQMCVGATGHNIPQKLSLNAELQLDRQKPRQGRRVLLLGSQQAGTTLNLDLGGKHSPICHTTMAFLRDEADFRD
KLSPIVLSLNVSLPPTEAGMAPAVVLHGDTHVQEQTRIVLDCGEDDVCVPQLQLTASVTGSPLLVGADNVLELQMDAANE
GEGAYEAELAVHLPQGAHYMRALSNVEGFERLICNQKKENETRVVLCELGNPMKKNAQIGIAMLVSVGNLEEAGESVSFQ
LQIRSKNSQNPNSKIVLLDVPVRAEAQVELRGNSFPASLVVAAEEGEREQNSLDSWGPKVEHTYELHNNGPGTVNGLHLS
IHLPGQSQPSDLLYILDIQPQGGLQCFPQPPVNPLKVDWGLPIPSPSPIHPAHHKRDRRQIFLPEPEQPSRLQDPVLVSC
DSAPCTVVQCDLQEMARGQRAMVTVLAFLWLPSLYQRPLDQFVLQSHAWFNVSSLPYAVPPLSLPRGEAQVWTQLLRALE
ERAIPIWWVLVGVLGGLLLLTILVLAMWKVGFFKRNRPPLEEDDEEGE
;
A
2 'polypeptide(L)'
;GPNICTTRGVSSCQQCLAVSPMCAWCSDEALPLGSPRCDLKENLLKDNCAPESIEFPVSEARVLEDRPLSDKGSGDSSQV
TQVSPQRIALRLRPDDSKNFSIQVRQVEDYPVDIYYLMDLSYSMKDDLWSIQNLGTKLATQMRKLTSNLRIGFGAFVDKP
VSPYMYISPPEALENPCYDMKTTCLPMFGYKHVLTLTDQVTRFNEEVKKQSVSRNRDAPEGGFDAIMQATVCDEKIGWRN
DASHLLVFTTDAKTHIALDGRLAGIVQPNDGQCHVGSDNHYSASTTMDYPSLGLMTEKLSQKNINLIFAVTENVVNLYQN
YSELIPGTTVGVLSMDSSNVLQLIVDAYGKIRSKVELEVRDLPEELSLSFNATCLNNEVIPGLKSCMGLKIGDTVSFSIE
AKVRGCPQEKEKSFTIKPVGFKDSLIVQVTFDCDCACQAQAEPNSHRCNNGNGTFECGVCRCGPGWLGSQCECSEEDYRP
SQQDECSPREGQPVCSQRGECLCGQCVCHSSDFGKITGKYCECDDFSCVRYKGEMCSGHGQCSCGDCLCDSDWTGYYCNC
TTRTDTCMSSNGLLCSGRGKCECGSCVCIQPGSYGDTCEKCPTCPDACTFKKECVECKKFDRGALHDENTCNRYCRDEIE
SVKELKDTGKDAVNCTYKNEDDCVVRFQYYEDSSGKSILYVVEEPECPKGPDILVVLLSVMGAILLIGLAALLIWKLLIT
IHDRKEFAKFEEERARAKWDTANNPLYKEATSTFTNITYRGT
;
B
#
loop_
_chem_comp.id
_chem_comp.type
_chem_comp.name
_chem_comp.formula
CA non-polymer 'CALCIUM ION' 'Ca 2'
MG non-polymer 'MAGNESIUM ION' 'Mg 2'
#
# COMPACT_ATOMS: atom_id res chain seq x y z
N LEU A 1 1.76 15.82 -24.02
CA LEU A 1 2.34 17.08 -24.49
C LEU A 1 1.28 17.93 -25.19
N ASN A 2 0.31 17.26 -25.83
CA ASN A 2 -0.74 17.94 -26.57
C ASN A 2 -2.10 17.84 -25.89
N LEU A 3 -2.16 17.31 -24.67
CA LEU A 3 -3.42 17.19 -23.95
C LEU A 3 -3.66 18.46 -23.15
N ASP A 4 -4.56 19.31 -23.63
CA ASP A 4 -4.76 20.62 -23.02
C ASP A 4 -5.42 20.52 -21.66
N PRO A 5 -4.99 21.30 -20.66
CA PRO A 5 -5.67 21.35 -19.37
C PRO A 5 -6.65 22.51 -19.19
N VAL A 6 -6.91 23.29 -20.23
CA VAL A 6 -7.75 24.48 -20.11
C VAL A 6 -9.21 24.10 -20.32
N GLN A 7 -9.54 23.54 -21.47
CA GLN A 7 -10.91 23.12 -21.78
C GLN A 7 -11.15 21.76 -21.18
N LEU A 8 -12.00 21.70 -20.16
CA LEU A 8 -12.30 20.45 -19.45
C LEU A 8 -13.74 20.03 -19.68
N THR A 9 -14.05 18.81 -19.23
CA THR A 9 -15.39 18.27 -19.25
C THR A 9 -15.60 17.46 -17.98
N PHE A 10 -16.77 17.60 -17.36
CA PHE A 10 -17.00 17.15 -16.00
C PHE A 10 -18.28 16.33 -15.93
N TYR A 11 -18.15 15.00 -15.95
CA TYR A 11 -19.27 14.10 -15.73
C TYR A 11 -19.35 13.73 -14.25
N ALA A 12 -20.45 14.13 -13.62
CA ALA A 12 -20.67 13.85 -12.21
C ALA A 12 -21.93 13.02 -12.06
N GLY A 13 -21.96 12.19 -11.01
CA GLY A 13 -23.10 11.37 -10.72
C GLY A 13 -23.66 11.68 -9.35
N PRO A 14 -24.20 10.67 -8.68
CA PRO A 14 -24.71 10.88 -7.32
C PRO A 14 -23.59 11.28 -6.37
N ASN A 15 -23.93 12.13 -5.40
CA ASN A 15 -22.96 12.52 -4.39
C ASN A 15 -22.74 11.39 -3.40
N GLY A 16 -21.49 11.24 -2.97
CA GLY A 16 -21.12 10.16 -2.07
C GLY A 16 -21.30 8.79 -2.70
N SER A 17 -21.12 8.73 -4.02
CA SER A 17 -21.27 7.48 -4.75
C SER A 17 -19.94 6.91 -5.23
N GLN A 18 -18.83 7.58 -4.97
CA GLN A 18 -17.50 7.11 -5.39
C GLN A 18 -17.43 6.92 -6.90
N PHE A 19 -18.21 7.72 -7.61
CA PHE A 19 -18.29 7.66 -9.06
C PHE A 19 -16.93 7.93 -9.69
N GLY A 20 -16.67 7.25 -10.81
CA GLY A 20 -15.44 7.43 -11.54
C GLY A 20 -14.36 6.42 -11.25
N PHE A 21 -14.66 5.36 -10.48
CA PHE A 21 -13.64 4.36 -10.18
C PHE A 21 -13.15 3.64 -11.44
N SER A 22 -14.01 2.86 -12.08
CA SER A 22 -13.62 2.11 -13.25
C SER A 22 -14.33 2.69 -14.46
N LEU A 23 -13.54 3.08 -15.46
CA LEU A 23 -14.08 3.83 -16.59
C LEU A 23 -13.45 3.27 -17.86
N ASP A 24 -14.25 3.25 -18.92
CA ASP A 24 -13.79 2.71 -20.20
C ASP A 24 -14.46 3.46 -21.33
N PHE A 25 -13.83 3.39 -22.51
CA PHE A 25 -14.47 3.82 -23.74
C PHE A 25 -15.49 2.77 -24.19
N HIS A 26 -16.30 3.14 -25.17
CA HIS A 26 -17.29 2.21 -25.71
C HIS A 26 -17.67 2.66 -27.10
N LYS A 27 -17.30 1.87 -28.11
CA LYS A 27 -17.54 2.18 -29.51
C LYS A 27 -18.72 1.35 -30.01
N ASP A 28 -19.70 2.01 -30.60
CA ASP A 28 -20.90 1.33 -31.09
C ASP A 28 -20.65 0.79 -32.50
N SER A 29 -21.71 0.35 -33.16
CA SER A 29 -21.58 -0.15 -34.53
C SER A 29 -21.39 0.99 -35.53
N HIS A 30 -21.99 2.15 -35.27
CA HIS A 30 -21.91 3.28 -36.18
C HIS A 30 -20.66 4.13 -36.00
N GLY A 31 -19.80 3.79 -35.03
CA GLY A 31 -18.59 4.55 -34.79
C GLY A 31 -18.68 5.56 -33.67
N ARG A 32 -19.87 5.83 -33.15
CA ARG A 32 -20.01 6.72 -32.00
C ARG A 32 -19.37 6.09 -30.76
N VAL A 33 -18.61 6.90 -30.03
CA VAL A 33 -17.90 6.44 -28.85
C VAL A 33 -18.63 6.95 -27.61
N ALA A 34 -19.13 6.02 -26.80
CA ALA A 34 -19.74 6.37 -25.53
C ALA A 34 -18.72 6.14 -24.42
N ILE A 35 -19.12 6.39 -23.17
CA ILE A 35 -18.23 6.20 -22.03
C ILE A 35 -18.96 5.42 -20.96
N VAL A 36 -18.34 4.34 -20.50
CA VAL A 36 -18.91 3.47 -19.47
C VAL A 36 -18.11 3.68 -18.19
N VAL A 37 -18.66 4.47 -17.27
CA VAL A 37 -18.00 4.77 -16.01
C VAL A 37 -18.67 3.94 -14.91
N GLY A 38 -17.83 3.35 -14.07
CA GLY A 38 -18.33 2.63 -12.92
C GLY A 38 -18.49 3.52 -11.71
N ALA A 39 -19.25 3.05 -10.72
CA ALA A 39 -19.47 3.80 -9.48
C ALA A 39 -19.81 2.78 -8.39
N PRO A 40 -18.83 2.19 -7.75
CA PRO A 40 -19.08 1.05 -6.87
C PRO A 40 -19.87 1.35 -5.60
N ARG A 41 -20.21 2.63 -5.35
CA ARG A 41 -20.88 2.94 -4.10
C ARG A 41 -22.26 3.59 -4.30
N THR A 42 -22.74 3.68 -5.53
CA THR A 42 -24.05 4.25 -5.78
C THR A 42 -25.14 3.40 -5.11
N LEU A 43 -26.14 4.07 -4.56
CA LEU A 43 -27.20 3.38 -3.84
C LEU A 43 -28.13 2.64 -4.81
N GLY A 44 -28.62 1.48 -4.37
CA GLY A 44 -29.55 0.71 -5.15
C GLY A 44 -30.99 1.01 -4.78
N PRO A 45 -31.92 0.20 -5.28
CA PRO A 45 -33.34 0.42 -4.96
C PRO A 45 -33.67 0.28 -3.49
N SER A 46 -32.96 -0.58 -2.75
CA SER A 46 -33.29 -0.91 -1.38
C SER A 46 -32.59 -0.01 -0.36
N GLN A 47 -32.25 1.22 -0.77
CA GLN A 47 -31.50 2.15 0.09
C GLN A 47 -30.21 1.52 0.60
N GLU A 48 -29.52 0.80 -0.28
CA GLU A 48 -28.27 0.14 0.05
C GLU A 48 -27.27 0.37 -1.07
N GLU A 49 -25.99 0.33 -0.71
CA GLU A 49 -24.91 0.64 -1.64
C GLU A 49 -24.61 -0.58 -2.50
N THR A 50 -25.43 -0.80 -3.53
CA THR A 50 -25.25 -1.94 -4.42
C THR A 50 -24.43 -1.60 -5.66
N GLY A 51 -23.73 -0.46 -5.66
CA GLY A 51 -22.96 -0.07 -6.82
C GLY A 51 -23.85 0.29 -8.00
N GLY A 52 -23.19 0.77 -9.05
CA GLY A 52 -23.91 1.15 -10.25
C GLY A 52 -22.95 1.50 -11.36
N VAL A 53 -23.46 1.42 -12.58
CA VAL A 53 -22.71 1.76 -13.78
C VAL A 53 -23.55 2.74 -14.59
N PHE A 54 -22.94 3.86 -14.99
CA PHE A 54 -23.62 4.89 -15.74
C PHE A 54 -23.02 5.00 -17.14
N LEU A 55 -23.89 4.88 -18.15
CA LEU A 55 -23.48 4.99 -19.55
C LEU A 55 -23.61 6.46 -19.95
N CYS A 56 -22.51 7.19 -19.85
CA CYS A 56 -22.50 8.63 -20.11
C CYS A 56 -22.26 8.89 -21.59
N PRO A 57 -23.17 9.55 -22.30
CA PRO A 57 -22.87 9.98 -23.67
C PRO A 57 -21.66 10.91 -23.73
N TRP A 58 -21.26 11.21 -24.95
CA TRP A 58 -20.22 12.22 -25.19
C TRP A 58 -20.90 13.58 -25.32
N ARG A 59 -20.70 14.42 -24.31
CA ARG A 59 -21.21 15.78 -24.29
C ARG A 59 -20.06 16.74 -24.01
N ALA A 60 -19.99 17.83 -24.79
CA ALA A 60 -18.91 18.79 -24.62
C ALA A 60 -18.95 19.45 -23.25
N GLU A 61 -20.13 19.54 -22.63
CA GLU A 61 -20.27 20.18 -21.34
C GLU A 61 -20.33 19.19 -20.18
N GLY A 62 -20.59 17.91 -20.45
CA GLY A 62 -20.74 16.95 -19.38
C GLY A 62 -22.04 17.13 -18.62
N GLY A 63 -22.06 16.59 -17.41
CA GLY A 63 -23.24 16.68 -16.57
C GLY A 63 -23.61 15.37 -15.91
N GLN A 64 -24.90 15.05 -15.91
CA GLN A 64 -25.36 13.80 -15.35
C GLN A 64 -25.37 12.70 -16.42
N CYS A 65 -25.55 11.46 -15.97
CA CYS A 65 -25.58 10.32 -16.87
C CYS A 65 -26.80 9.45 -16.60
N PRO A 66 -27.33 8.80 -17.64
CA PRO A 66 -28.37 7.78 -17.43
C PRO A 66 -27.75 6.45 -17.07
N SER A 67 -28.21 5.86 -15.97
CA SER A 67 -27.60 4.64 -15.45
C SER A 67 -28.12 3.41 -16.18
N LEU A 68 -27.22 2.47 -16.44
CA LEU A 68 -27.61 1.18 -16.99
C LEU A 68 -28.37 0.37 -15.94
N LEU A 69 -29.32 -0.42 -16.41
CA LEU A 69 -30.19 -1.20 -15.54
C LEU A 69 -29.72 -2.64 -15.47
N PHE A 70 -29.48 -3.13 -14.26
CA PHE A 70 -29.08 -4.50 -14.02
C PHE A 70 -29.95 -5.07 -12.91
N ASP A 71 -30.07 -6.39 -12.90
CA ASP A 71 -30.82 -7.07 -11.84
C ASP A 71 -30.08 -6.91 -10.52
N LEU A 72 -30.61 -6.07 -9.64
CA LEU A 72 -30.01 -5.79 -8.34
C LEU A 72 -30.88 -6.36 -7.23
N ARG A 73 -31.58 -7.46 -7.51
CA ARG A 73 -32.45 -8.11 -6.54
C ARG A 73 -31.84 -9.45 -6.14
N ASP A 74 -31.90 -9.75 -4.85
CA ASP A 74 -31.40 -11.02 -4.35
C ASP A 74 -32.22 -12.18 -4.89
N GLU A 75 -31.55 -13.28 -5.23
CA GLU A 75 -32.18 -14.47 -5.78
C GLU A 75 -32.05 -15.60 -4.79
N THR A 76 -33.10 -16.42 -4.70
CA THR A 76 -33.11 -17.61 -3.86
C THR A 76 -33.75 -18.75 -4.64
N ARG A 77 -33.08 -19.91 -4.63
CA ARG A 77 -33.58 -21.09 -5.33
CA ARG A 77 -33.59 -21.08 -5.33
C ARG A 77 -33.42 -22.30 -4.44
N ASN A 78 -34.27 -23.31 -4.67
CA ASN A 78 -34.24 -24.57 -3.94
C ASN A 78 -34.14 -25.71 -4.95
N VAL A 79 -32.93 -26.24 -5.12
CA VAL A 79 -32.69 -27.37 -6.01
C VAL A 79 -32.30 -28.54 -5.12
N GLY A 80 -33.14 -29.56 -5.11
CA GLY A 80 -32.90 -30.70 -4.22
C GLY A 80 -32.89 -30.25 -2.78
N SER A 81 -31.88 -30.70 -2.04
CA SER A 81 -31.69 -30.27 -0.66
C SER A 81 -30.87 -29.00 -0.55
N GLN A 82 -30.40 -28.45 -1.67
CA GLN A 82 -29.57 -27.25 -1.65
C GLN A 82 -30.39 -26.01 -1.95
N THR A 83 -30.16 -24.97 -1.16
CA THR A 83 -30.77 -23.66 -1.37
C THR A 83 -29.69 -22.70 -1.82
N LEU A 84 -29.82 -22.20 -3.05
CA LEU A 84 -28.82 -21.33 -3.66
C LEU A 84 -29.21 -19.87 -3.41
N GLN A 85 -28.27 -19.08 -2.93
CA GLN A 85 -28.49 -17.66 -2.68
C GLN A 85 -27.39 -16.84 -3.35
N THR A 86 -27.79 -15.70 -3.92
CA THR A 86 -26.85 -14.69 -4.39
C THR A 86 -27.20 -13.35 -3.73
N PHE A 87 -26.19 -12.69 -3.18
CA PHE A 87 -26.37 -11.45 -2.45
C PHE A 87 -25.75 -10.31 -3.23
N LYS A 88 -26.48 -9.19 -3.32
CA LYS A 88 -26.06 -8.05 -4.11
C LYS A 88 -25.85 -6.79 -3.28
N ALA A 89 -26.08 -6.84 -1.98
CA ALA A 89 -25.85 -5.68 -1.12
C ALA A 89 -24.35 -5.49 -0.92
N ARG A 90 -23.90 -4.23 -0.99
CA ARG A 90 -22.50 -3.87 -0.78
C ARG A 90 -21.59 -4.65 -1.75
N GLN A 91 -22.07 -4.79 -2.98
CA GLN A 91 -21.37 -5.59 -3.99
C GLN A 91 -20.39 -4.77 -4.82
N GLY A 92 -20.51 -3.45 -4.82
CA GLY A 92 -19.62 -2.63 -5.62
C GLY A 92 -19.73 -2.86 -7.11
N LEU A 93 -20.95 -2.95 -7.63
CA LEU A 93 -21.15 -3.18 -9.06
C LEU A 93 -20.65 -1.96 -9.83
N GLY A 94 -19.54 -2.13 -10.54
CA GLY A 94 -18.91 -1.03 -11.22
C GLY A 94 -17.46 -0.87 -10.81
N ALA A 95 -17.06 -1.62 -9.78
CA ALA A 95 -15.69 -1.57 -9.30
C ALA A 95 -14.68 -2.14 -10.29
N SER A 96 -15.15 -2.83 -11.32
CA SER A 96 -14.29 -3.28 -12.41
C SER A 96 -15.15 -3.40 -13.65
N VAL A 97 -15.10 -2.39 -14.51
CA VAL A 97 -15.92 -2.33 -15.72
C VAL A 97 -15.03 -2.46 -16.93
N VAL A 98 -15.51 -3.24 -17.91
CA VAL A 98 -14.85 -3.41 -19.20
C VAL A 98 -15.92 -3.50 -20.28
N SER A 99 -15.60 -2.96 -21.45
CA SER A 99 -16.52 -2.96 -22.58
C SER A 99 -15.76 -3.34 -23.83
N TRP A 100 -16.31 -4.29 -24.59
CA TRP A 100 -15.67 -4.78 -25.81
C TRP A 100 -16.73 -4.84 -26.90
N SER A 101 -16.43 -4.22 -28.05
CA SER A 101 -17.33 -4.20 -29.20
C SER A 101 -18.70 -3.62 -28.83
N ASP A 102 -19.69 -4.50 -28.64
CA ASP A 102 -21.04 -4.08 -28.33
C ASP A 102 -21.53 -4.62 -27.00
N VAL A 103 -20.63 -5.15 -26.17
CA VAL A 103 -21.00 -5.82 -24.93
C VAL A 103 -20.34 -5.08 -23.78
N ILE A 104 -21.14 -4.74 -22.77
CA ILE A 104 -20.64 -4.13 -21.54
C ILE A 104 -20.57 -5.23 -20.50
N VAL A 105 -19.37 -5.52 -20.01
CA VAL A 105 -19.18 -6.47 -18.92
C VAL A 105 -18.83 -5.60 -17.72
N ALA A 106 -19.85 -5.19 -16.97
CA ALA A 106 -19.70 -4.37 -15.80
C ALA A 106 -19.71 -5.28 -14.59
N CYS A 107 -18.55 -5.44 -13.95
CA CYS A 107 -18.36 -6.53 -13.00
C CYS A 107 -18.39 -6.03 -11.56
N ALA A 108 -18.97 -6.85 -10.68
CA ALA A 108 -19.08 -6.53 -9.27
C ALA A 108 -18.24 -7.51 -8.48
N PRO A 109 -17.00 -7.16 -8.11
CA PRO A 109 -16.12 -8.15 -7.45
C PRO A 109 -16.60 -8.61 -6.10
N TRP A 110 -17.78 -8.18 -5.64
CA TRP A 110 -18.24 -8.57 -4.32
C TRP A 110 -19.69 -9.03 -4.33
N GLN A 111 -20.14 -9.63 -5.43
CA GLN A 111 -21.44 -10.31 -5.47
C GLN A 111 -21.22 -11.67 -4.83
N HIS A 112 -21.81 -11.86 -3.67
CA HIS A 112 -21.52 -13.06 -2.89
C HIS A 112 -22.34 -14.25 -3.36
N TRP A 113 -22.00 -15.42 -2.85
CA TRP A 113 -22.65 -16.67 -3.20
C TRP A 113 -22.66 -17.60 -2.00
N ASN A 114 -23.76 -18.32 -1.82
CA ASN A 114 -23.89 -19.25 -0.72
C ASN A 114 -24.84 -20.38 -1.12
N VAL A 115 -24.66 -21.53 -0.48
CA VAL A 115 -25.50 -22.71 -0.70
C VAL A 115 -25.81 -23.31 0.66
N LEU A 116 -27.08 -23.64 0.88
CA LEU A 116 -27.54 -24.17 2.16
C LEU A 116 -27.89 -25.65 2.02
N GLU A 117 -27.68 -26.41 3.09
CA GLU A 117 -27.99 -27.84 3.11
C GLU A 117 -28.33 -28.23 4.56
N LYS A 118 -29.63 -28.27 4.87
CA LYS A 118 -30.11 -28.63 6.20
C LYS A 118 -29.45 -27.77 7.27
N THR A 119 -28.43 -28.33 7.93
CA THR A 119 -27.65 -27.59 8.92
C THR A 119 -26.35 -27.05 8.32
N GLU A 120 -25.73 -27.82 7.43
CA GLU A 120 -24.49 -27.40 6.81
C GLU A 120 -24.75 -26.35 5.73
N GLU A 121 -23.67 -25.74 5.25
CA GLU A 121 -23.75 -24.65 4.29
C GLU A 121 -22.43 -24.52 3.55
N ALA A 122 -22.46 -23.79 2.44
CA ALA A 122 -21.28 -23.53 1.63
C ALA A 122 -20.67 -22.16 1.89
N GLU A 123 -21.26 -21.38 2.81
CA GLU A 123 -20.78 -20.08 3.25
C GLU A 123 -20.94 -19.00 2.18
N LYS A 124 -21.38 -17.82 2.60
CA LYS A 124 -21.50 -16.65 1.72
C LYS A 124 -20.12 -16.03 1.60
N THR A 125 -19.35 -16.49 0.62
CA THR A 125 -18.00 -16.02 0.40
C THR A 125 -17.97 -15.08 -0.79
N PRO A 126 -17.15 -14.03 -0.77
CA PRO A 126 -17.14 -13.06 -1.87
C PRO A 126 -16.53 -13.62 -3.15
N VAL A 127 -17.22 -14.60 -3.74
CA VAL A 127 -16.73 -15.23 -4.97
C VAL A 127 -16.59 -14.20 -6.07
N GLY A 128 -17.42 -13.16 -6.04
CA GLY A 128 -17.47 -12.22 -7.15
C GLY A 128 -18.27 -12.83 -8.27
N SER A 129 -19.21 -12.07 -8.82
CA SER A 129 -20.05 -12.57 -9.90
C SER A 129 -20.52 -11.34 -10.67
N CYS A 130 -20.32 -11.39 -11.98
CA CYS A 130 -20.36 -10.12 -12.69
C CYS A 130 -21.19 -10.25 -13.96
N PHE A 131 -21.76 -9.12 -14.37
CA PHE A 131 -22.88 -9.08 -15.31
C PHE A 131 -22.40 -8.78 -16.71
N LEU A 132 -23.28 -9.03 -17.69
CA LEU A 132 -23.05 -8.68 -19.08
C LEU A 132 -24.33 -8.05 -19.64
N ALA A 133 -24.17 -7.15 -20.62
CA ALA A 133 -25.31 -6.52 -21.26
C ALA A 133 -24.92 -6.09 -22.67
N GLN A 134 -25.91 -6.03 -23.55
CA GLN A 134 -25.74 -5.53 -24.92
C GLN A 134 -26.80 -4.47 -25.15
N PRO A 135 -26.50 -3.21 -24.84
CA PRO A 135 -27.55 -2.16 -24.89
C PRO A 135 -28.16 -1.99 -26.26
N GLU A 136 -27.39 -2.15 -27.34
CA GLU A 136 -27.96 -1.97 -28.68
C GLU A 136 -28.92 -3.09 -29.02
N SER A 137 -28.74 -4.28 -28.44
CA SER A 137 -29.63 -5.40 -28.68
C SER A 137 -30.49 -5.76 -27.47
N GLY A 138 -30.16 -5.24 -26.29
CA GLY A 138 -30.94 -5.54 -25.10
C GLY A 138 -30.88 -6.99 -24.65
N ARG A 139 -29.69 -7.58 -24.64
CA ARG A 139 -29.47 -8.94 -24.19
C ARG A 139 -28.66 -8.94 -22.90
N ARG A 140 -29.06 -9.77 -21.96
CA ARG A 140 -28.49 -9.78 -20.61
C ARG A 140 -28.04 -11.18 -20.23
N ALA A 141 -26.87 -11.27 -19.60
CA ALA A 141 -26.35 -12.54 -19.13
C ALA A 141 -25.39 -12.29 -17.97
N GLU A 142 -25.09 -13.38 -17.24
CA GLU A 142 -24.22 -13.33 -16.08
C GLU A 142 -23.21 -14.47 -16.15
N TYR A 143 -22.07 -14.28 -15.49
CA TYR A 143 -21.04 -15.31 -15.42
C TYR A 143 -20.36 -15.23 -14.06
N SER A 144 -20.01 -16.40 -13.54
CA SER A 144 -19.35 -16.49 -12.24
C SER A 144 -18.62 -17.82 -12.13
N PRO A 145 -17.37 -17.91 -12.60
CA PRO A 145 -16.68 -19.20 -12.69
C PRO A 145 -16.34 -19.85 -11.36
N CYS A 146 -16.55 -19.17 -10.24
CA CYS A 146 -16.16 -19.69 -8.93
C CYS A 146 -17.35 -20.03 -8.06
N ARG A 147 -18.41 -20.60 -8.65
CA ARG A 147 -19.60 -21.00 -7.91
C ARG A 147 -19.62 -22.51 -7.76
N GLY A 148 -19.69 -22.99 -6.53
CA GLY A 148 -19.74 -24.40 -6.25
C GLY A 148 -20.37 -24.67 -4.90
N ASN A 149 -21.00 -25.84 -4.80
CA ASN A 149 -21.76 -26.21 -3.61
C ASN A 149 -20.95 -27.00 -2.59
N THR A 150 -19.62 -27.02 -2.72
CA THR A 150 -18.79 -27.78 -1.81
C THR A 150 -18.92 -27.23 -0.39
N LEU A 151 -19.16 -28.11 0.57
CA LEU A 151 -19.43 -27.70 1.93
C LEU A 151 -18.14 -27.34 2.66
N SER A 152 -18.30 -26.76 3.85
CA SER A 152 -17.13 -26.36 4.65
C SER A 152 -16.38 -27.57 5.17
N ARG A 153 -17.10 -28.59 5.65
CA ARG A 153 -16.44 -29.76 6.21
C ARG A 153 -15.62 -30.50 5.16
N ILE A 154 -16.13 -30.56 3.92
CA ILE A 154 -15.40 -31.22 2.85
C ILE A 154 -14.12 -30.46 2.54
N TYR A 155 -14.17 -29.13 2.50
CA TYR A 155 -12.97 -28.34 2.25
C TYR A 155 -11.97 -28.50 3.39
N VAL A 156 -12.45 -28.60 4.63
CA VAL A 156 -11.54 -28.76 5.76
C VAL A 156 -10.87 -30.13 5.73
N GLU A 157 -11.63 -31.19 5.47
CA GLU A 157 -11.06 -32.53 5.42
C GLU A 157 -10.11 -32.70 4.24
N ASN A 158 -10.35 -31.99 3.14
CA ASN A 158 -9.51 -32.04 1.96
C ASN A 158 -8.31 -31.10 2.10
N ASP A 159 -8.44 -30.09 2.97
CA ASP A 159 -7.41 -29.08 3.21
C ASP A 159 -7.15 -28.20 1.99
N PHE A 160 -8.20 -27.55 1.52
CA PHE A 160 -8.11 -26.32 0.71
C PHE A 160 -7.36 -26.55 -0.60
N SER A 161 -7.83 -27.53 -1.37
CA SER A 161 -7.36 -27.70 -2.75
C SER A 161 -8.49 -27.32 -3.69
N TRP A 162 -8.16 -26.51 -4.69
CA TRP A 162 -9.13 -25.99 -5.66
C TRP A 162 -10.19 -25.14 -4.96
N ASP A 163 -9.72 -24.15 -4.20
CA ASP A 163 -10.60 -23.27 -3.42
C ASP A 163 -10.80 -21.97 -4.19
N LYS A 164 -11.93 -21.87 -4.87
CA LYS A 164 -12.29 -20.67 -5.63
C LYS A 164 -13.30 -19.81 -4.88
N ARG A 165 -13.60 -20.15 -3.63
CA ARG A 165 -14.66 -19.48 -2.91
C ARG A 165 -14.37 -18.00 -2.71
N TYR A 166 -13.10 -17.63 -2.65
CA TYR A 166 -12.72 -16.26 -2.32
C TYR A 166 -12.27 -15.52 -3.57
N CYS A 167 -12.78 -15.96 -4.72
CA CYS A 167 -12.25 -15.51 -6.02
C CYS A 167 -12.20 -13.99 -6.12
N GLU A 168 -13.35 -13.34 -5.96
CA GLU A 168 -13.53 -11.94 -6.39
C GLU A 168 -13.35 -11.83 -7.91
N ALA A 169 -14.08 -12.68 -8.63
CA ALA A 169 -13.97 -12.74 -10.07
C ALA A 169 -14.43 -11.42 -10.70
N GLY A 170 -13.83 -11.08 -11.83
CA GLY A 170 -14.08 -9.81 -12.46
C GLY A 170 -13.22 -8.68 -11.97
N PHE A 171 -12.41 -8.91 -10.91
CA PHE A 171 -11.51 -7.89 -10.41
C PHE A 171 -10.62 -7.32 -11.50
N SER A 172 -9.93 -8.19 -12.22
CA SER A 172 -9.09 -7.80 -13.35
C SER A 172 -9.73 -8.35 -14.62
N SER A 173 -10.41 -7.48 -15.36
CA SER A 173 -11.19 -7.88 -16.52
C SER A 173 -10.53 -7.33 -17.78
N VAL A 174 -9.91 -8.21 -18.56
CA VAL A 174 -9.40 -7.89 -19.88
C VAL A 174 -9.98 -8.87 -20.87
N VAL A 175 -10.47 -8.35 -21.99
CA VAL A 175 -11.12 -9.15 -23.01
C VAL A 175 -10.17 -9.25 -24.21
N THR A 176 -9.88 -10.47 -24.62
CA THR A 176 -9.00 -10.71 -25.75
C THR A 176 -9.66 -10.26 -27.05
N GLN A 177 -8.82 -9.97 -28.05
CA GLN A 177 -9.35 -9.59 -29.36
C GLN A 177 -10.15 -10.73 -29.97
N ALA A 178 -9.83 -11.97 -29.62
CA ALA A 178 -10.57 -13.12 -30.10
C ALA A 178 -12.01 -13.14 -29.61
N GLY A 179 -12.25 -12.69 -28.38
CA GLY A 179 -13.60 -12.71 -27.83
C GLY A 179 -13.73 -13.57 -26.60
N GLU A 180 -12.66 -13.68 -25.83
CA GLU A 180 -12.59 -14.54 -24.66
C GLU A 180 -12.55 -13.64 -23.42
N LEU A 181 -13.38 -13.95 -22.43
CA LEU A 181 -13.44 -13.12 -21.24
C LEU A 181 -12.46 -13.62 -20.18
N VAL A 182 -11.48 -12.79 -19.86
CA VAL A 182 -10.43 -13.12 -18.90
C VAL A 182 -10.71 -12.38 -17.60
N LEU A 183 -10.85 -13.13 -16.51
CA LEU A 183 -11.06 -12.57 -15.19
C LEU A 183 -9.88 -12.90 -14.29
N GLY A 184 -9.64 -12.03 -13.33
CA GLY A 184 -8.59 -12.23 -12.34
C GLY A 184 -9.21 -12.35 -10.96
N ALA A 185 -8.84 -13.41 -10.24
CA ALA A 185 -9.42 -13.73 -8.94
C ALA A 185 -8.31 -13.85 -7.91
N PRO A 186 -7.80 -12.72 -7.42
CA PRO A 186 -6.62 -12.77 -6.53
C PRO A 186 -6.89 -13.45 -5.20
N GLY A 187 -8.12 -13.87 -4.93
CA GLY A 187 -8.38 -14.59 -3.69
C GLY A 187 -8.57 -16.09 -3.83
N GLY A 188 -8.42 -16.62 -5.04
CA GLY A 188 -8.73 -18.03 -5.25
C GLY A 188 -7.53 -18.92 -5.00
N TYR A 189 -7.82 -20.22 -4.79
CA TYR A 189 -6.82 -21.26 -4.61
C TYR A 189 -5.95 -20.97 -3.38
N TYR A 190 -6.61 -20.92 -2.22
CA TYR A 190 -5.94 -20.71 -0.93
C TYR A 190 -5.36 -19.30 -0.82
N PHE A 191 -6.09 -18.32 -1.35
CA PHE A 191 -5.72 -16.91 -1.23
C PHE A 191 -4.36 -16.60 -1.88
N LEU A 192 -4.06 -17.34 -2.97
CA LEU A 192 -2.90 -17.01 -3.78
C LEU A 192 -3.24 -16.29 -5.08
N GLY A 193 -4.45 -16.48 -5.59
CA GLY A 193 -4.85 -15.81 -6.81
C GLY A 193 -4.90 -16.77 -7.99
N LEU A 194 -5.78 -16.45 -8.94
CA LEU A 194 -5.93 -17.28 -10.13
C LEU A 194 -6.28 -16.42 -11.32
N LEU A 195 -6.64 -17.07 -12.40
CA LEU A 195 -7.10 -16.44 -13.63
C LEU A 195 -8.14 -17.35 -14.28
N ALA A 196 -9.23 -16.74 -14.74
CA ALA A 196 -10.39 -17.49 -15.25
C ALA A 196 -10.78 -16.92 -16.62
N GLN A 197 -10.69 -17.75 -17.65
CA GLN A 197 -11.03 -17.36 -19.01
C GLN A 197 -12.18 -18.24 -19.51
N ALA A 198 -13.23 -17.60 -20.00
CA ALA A 198 -14.34 -18.25 -20.66
C ALA A 198 -14.76 -17.38 -21.83
N PRO A 199 -15.31 -17.96 -22.91
CA PRO A 199 -15.70 -17.14 -24.05
C PRO A 199 -16.89 -16.24 -23.74
N VAL A 200 -16.91 -15.07 -24.38
CA VAL A 200 -18.04 -14.16 -24.23
C VAL A 200 -19.27 -14.72 -24.94
N ALA A 201 -19.08 -15.25 -26.16
CA ALA A 201 -20.21 -15.81 -26.90
C ALA A 201 -20.81 -17.01 -26.17
N ASP A 202 -19.97 -17.88 -25.62
CA ASP A 202 -20.49 -18.99 -24.82
C ASP A 202 -21.22 -18.49 -23.59
N ILE A 203 -20.72 -17.40 -22.99
CA ILE A 203 -21.36 -16.84 -21.80
C ILE A 203 -22.75 -16.35 -22.14
N PHE A 204 -22.90 -15.64 -23.27
CA PHE A 204 -24.22 -15.18 -23.69
C PHE A 204 -25.12 -16.36 -24.05
N SER A 205 -24.60 -17.35 -24.77
CA SER A 205 -25.41 -18.41 -25.35
C SER A 205 -25.60 -19.60 -24.42
N SER A 206 -25.09 -19.55 -23.18
CA SER A 206 -25.25 -20.66 -22.24
C SER A 206 -25.74 -20.17 -20.89
N TYR A 207 -26.44 -19.04 -20.85
CA TYR A 207 -27.03 -18.53 -19.62
C TYR A 207 -28.53 -18.63 -19.70
N ARG A 208 -29.14 -19.14 -18.63
CA ARG A 208 -30.59 -19.22 -18.51
C ARG A 208 -31.02 -18.51 -17.23
N PRO A 209 -31.95 -17.56 -17.31
CA PRO A 209 -32.34 -16.82 -16.11
C PRO A 209 -32.94 -17.73 -15.05
N GLY A 210 -32.61 -17.43 -13.80
CA GLY A 210 -33.17 -18.14 -12.67
C GLY A 210 -32.40 -19.34 -12.18
N ILE A 211 -31.34 -19.75 -12.87
CA ILE A 211 -30.49 -20.84 -12.39
C ILE A 211 -29.23 -20.20 -11.81
N LEU A 212 -29.03 -20.37 -10.50
CA LEU A 212 -27.95 -19.70 -9.81
C LEU A 212 -26.62 -20.41 -10.03
N LEU A 213 -26.63 -21.74 -10.03
CA LEU A 213 -25.42 -22.54 -10.16
C LEU A 213 -25.44 -23.27 -11.49
N TRP A 214 -24.55 -22.87 -12.40
CA TRP A 214 -24.38 -23.55 -13.68
C TRP A 214 -22.94 -23.34 -14.14
N HIS A 215 -22.46 -24.23 -14.99
CA HIS A 215 -21.08 -24.22 -15.44
C HIS A 215 -21.04 -24.16 -16.97
N VAL A 216 -20.12 -23.35 -17.48
CA VAL A 216 -19.90 -23.27 -18.93
C VAL A 216 -18.96 -24.40 -19.34
N SER A 217 -19.19 -24.94 -20.55
CA SER A 217 -18.37 -26.05 -21.03
C SER A 217 -16.91 -25.62 -21.23
N SER A 218 -16.70 -24.41 -21.77
CA SER A 218 -15.37 -23.95 -22.14
C SER A 218 -14.62 -23.26 -21.01
N GLN A 219 -14.98 -23.51 -19.75
CA GLN A 219 -14.30 -22.87 -18.64
C GLN A 219 -12.93 -23.50 -18.42
N SER A 220 -11.89 -22.68 -18.54
CA SER A 220 -10.51 -23.12 -18.34
C SER A 220 -9.85 -22.23 -17.30
N LEU A 221 -9.39 -22.82 -16.21
CA LEU A 221 -8.87 -22.08 -15.08
C LEU A 221 -7.44 -22.51 -14.77
N SER A 222 -6.82 -21.84 -13.81
CA SER A 222 -5.43 -22.07 -13.46
C SER A 222 -5.33 -23.26 -12.50
N PHE A 223 -4.13 -23.49 -11.97
CA PHE A 223 -3.85 -24.64 -11.13
C PHE A 223 -3.28 -24.18 -9.80
N ASP A 224 -3.73 -24.83 -8.72
CA ASP A 224 -3.19 -24.57 -7.40
C ASP A 224 -1.76 -25.09 -7.30
N SER A 225 -0.96 -24.41 -6.49
CA SER A 225 0.44 -24.76 -6.30
C SER A 225 0.74 -24.85 -4.81
N SER A 226 1.48 -25.90 -4.42
CA SER A 226 1.89 -26.08 -3.03
C SER A 226 3.23 -25.43 -2.73
N ASN A 227 3.81 -24.71 -3.68
CA ASN A 227 5.12 -24.10 -3.48
C ASN A 227 5.02 -23.01 -2.42
N PRO A 228 5.79 -23.10 -1.34
CA PRO A 228 5.77 -22.02 -0.33
C PRO A 228 6.24 -20.68 -0.86
N GLU A 229 6.98 -20.66 -1.96
CA GLU A 229 7.39 -19.40 -2.57
C GLU A 229 6.19 -18.65 -3.12
N TYR A 230 5.21 -19.37 -3.67
CA TYR A 230 4.07 -18.78 -4.36
C TYR A 230 2.98 -18.30 -3.40
N PHE A 231 3.11 -18.56 -2.11
CA PHE A 231 2.05 -18.23 -1.15
C PHE A 231 1.71 -16.76 -1.19
N ASP A 232 0.41 -16.47 -1.19
CA ASP A 232 -0.15 -15.12 -1.26
C ASP A 232 0.52 -14.33 -2.37
N GLY A 233 0.31 -14.73 -3.63
CA GLY A 233 0.79 -13.93 -4.74
C GLY A 233 -0.13 -12.77 -5.06
N TYR A 234 -1.41 -12.94 -4.73
CA TYR A 234 -2.48 -12.11 -5.33
C TYR A 234 -2.37 -12.18 -6.85
N TRP A 235 -2.04 -13.37 -7.35
CA TRP A 235 -1.83 -13.62 -8.77
C TRP A 235 -3.12 -13.42 -9.55
N GLY A 236 -3.15 -12.37 -10.36
CA GLY A 236 -4.36 -12.04 -11.10
C GLY A 236 -4.80 -10.62 -10.77
N TYR A 237 -3.96 -9.91 -10.03
CA TYR A 237 -4.29 -8.55 -9.61
C TYR A 237 -4.54 -7.65 -10.81
N SER A 238 -3.78 -7.86 -11.88
CA SER A 238 -3.97 -7.12 -13.13
C SER A 238 -3.46 -7.98 -14.28
N VAL A 239 -4.37 -8.64 -14.98
CA VAL A 239 -4.02 -9.43 -16.16
C VAL A 239 -3.79 -8.47 -17.31
N ALA A 240 -2.84 -8.81 -18.19
CA ALA A 240 -2.66 -8.08 -19.44
C ALA A 240 -2.38 -9.09 -20.55
N VAL A 241 -2.76 -8.72 -21.77
CA VAL A 241 -2.63 -9.61 -22.92
C VAL A 241 -1.72 -8.96 -23.95
N GLY A 242 -0.88 -9.78 -24.57
CA GLY A 242 0.06 -9.27 -25.56
C GLY A 242 0.86 -10.40 -26.15
N GLU A 243 1.71 -10.03 -27.10
CA GLU A 243 2.56 -10.99 -27.83
C GLU A 243 3.87 -11.14 -27.08
N PHE A 244 3.96 -12.17 -26.24
CA PHE A 244 5.19 -12.46 -25.50
C PHE A 244 5.75 -13.84 -25.83
N ASP A 245 5.36 -14.43 -26.95
CA ASP A 245 5.81 -15.75 -27.35
C ASP A 245 6.44 -15.75 -28.74
N GLY A 246 5.96 -14.89 -29.65
CA GLY A 246 6.40 -14.90 -31.03
C GLY A 246 5.43 -15.53 -32.00
N ASP A 247 4.37 -16.17 -31.51
CA ASP A 247 3.35 -16.78 -32.36
C ASP A 247 2.05 -16.02 -32.18
N LEU A 248 1.46 -15.59 -33.30
CA LEU A 248 0.22 -14.84 -33.25
C LEU A 248 -0.97 -15.69 -32.82
N ASN A 249 -0.83 -17.01 -32.87
CA ASN A 249 -1.94 -17.89 -32.50
C ASN A 249 -2.25 -17.79 -31.02
N THR A 250 -1.23 -17.66 -30.18
CA THR A 250 -1.41 -17.62 -28.73
C THR A 250 -1.26 -16.18 -28.23
N THR A 251 -2.28 -15.70 -27.51
CA THR A 251 -2.21 -14.40 -26.84
C THR A 251 -1.83 -14.67 -25.39
N GLU A 252 -0.63 -14.22 -25.02
CA GLU A 252 -0.09 -14.55 -23.71
C GLU A 252 -0.67 -13.64 -22.62
N TYR A 253 -0.69 -14.16 -21.40
CA TYR A 253 -1.31 -13.49 -20.27
C TYR A 253 -0.23 -12.99 -19.31
N VAL A 254 -0.09 -11.67 -19.22
CA VAL A 254 0.84 -11.02 -18.29
C VAL A 254 0.08 -10.76 -17.00
N VAL A 255 0.57 -11.32 -15.90
CA VAL A 255 -0.15 -11.31 -14.64
C VAL A 255 0.76 -10.78 -13.54
N GLY A 256 0.25 -9.81 -12.77
CA GLY A 256 1.02 -9.17 -11.72
C GLY A 256 0.72 -9.79 -10.36
N ALA A 257 1.72 -9.73 -9.48
CA ALA A 257 1.62 -10.28 -8.14
C ALA A 257 2.30 -9.33 -7.16
N PRO A 258 1.54 -8.63 -6.33
CA PRO A 258 2.15 -7.65 -5.41
C PRO A 258 3.07 -8.27 -4.39
N THR A 259 2.94 -9.56 -4.11
CA THR A 259 3.66 -10.23 -3.04
C THR A 259 4.10 -11.61 -3.53
N TRP A 260 5.42 -11.83 -3.57
CA TRP A 260 5.92 -13.15 -3.93
C TRP A 260 7.35 -13.23 -3.43
N SER A 261 7.86 -14.46 -3.27
CA SER A 261 9.24 -14.72 -2.87
C SER A 261 9.58 -13.97 -1.57
N TRP A 262 8.80 -14.29 -0.54
CA TRP A 262 8.91 -13.70 0.78
C TRP A 262 8.72 -12.18 0.71
N THR A 263 7.50 -11.79 0.32
CA THR A 263 7.06 -10.39 0.29
C THR A 263 7.97 -9.51 -0.57
N LEU A 264 8.28 -9.98 -1.78
CA LEU A 264 9.05 -9.20 -2.73
C LEU A 264 8.20 -8.63 -3.86
N GLY A 265 7.37 -9.46 -4.49
CA GLY A 265 6.56 -9.04 -5.62
C GLY A 265 7.11 -9.55 -6.93
N ALA A 266 6.21 -9.76 -7.88
CA ALA A 266 6.60 -10.34 -9.16
C ALA A 266 5.56 -10.02 -10.22
N VAL A 267 5.97 -10.17 -11.48
CA VAL A 267 5.09 -10.05 -12.64
C VAL A 267 5.38 -11.22 -13.56
N GLU A 268 4.41 -12.12 -13.72
CA GLU A 268 4.59 -13.35 -14.47
C GLU A 268 3.98 -13.22 -15.86
N ILE A 269 4.50 -14.01 -16.80
CA ILE A 269 4.00 -14.05 -18.16
C ILE A 269 3.72 -15.52 -18.50
N LEU A 270 2.47 -15.83 -18.81
CA LEU A 270 2.04 -17.21 -19.02
C LEU A 270 1.21 -17.31 -20.29
N ASP A 271 1.14 -18.52 -20.83
CA ASP A 271 0.44 -18.78 -22.08
C ASP A 271 -1.04 -19.10 -21.80
N SER A 272 -1.76 -19.50 -22.84
CA SER A 272 -3.19 -19.78 -22.71
C SER A 272 -3.49 -20.99 -21.85
N TYR A 273 -2.50 -21.83 -21.56
CA TYR A 273 -2.66 -22.98 -20.67
C TYR A 273 -2.23 -22.65 -19.24
N TYR A 274 -1.86 -21.40 -18.98
CA TYR A 274 -1.45 -20.95 -17.64
C TYR A 274 -0.18 -21.67 -17.18
N GLN A 275 0.75 -21.86 -18.10
CA GLN A 275 2.07 -22.39 -17.80
C GLN A 275 3.05 -21.23 -17.76
N ARG A 276 3.97 -21.25 -16.80
CA ARG A 276 4.88 -20.12 -16.59
C ARG A 276 5.89 -20.08 -17.72
N LEU A 277 6.07 -18.89 -18.32
CA LEU A 277 7.13 -18.67 -19.29
C LEU A 277 8.20 -17.70 -18.79
N HIS A 278 7.79 -16.59 -18.19
CA HIS A 278 8.73 -15.58 -17.70
C HIS A 278 8.24 -15.07 -16.35
N ARG A 279 9.15 -14.53 -15.55
CA ARG A 279 8.84 -14.08 -14.21
C ARG A 279 9.85 -13.03 -13.78
N LEU A 280 9.36 -11.86 -13.38
CA LEU A 280 10.20 -10.70 -13.07
C LEU A 280 10.01 -10.35 -11.61
N ARG A 281 11.03 -10.61 -10.80
CA ARG A 281 10.97 -10.35 -9.37
C ARG A 281 11.05 -8.84 -9.11
N GLY A 282 10.73 -8.44 -7.88
CA GLY A 282 10.81 -7.04 -7.51
C GLY A 282 12.23 -6.61 -7.20
N GLU A 283 12.59 -5.42 -7.71
CA GLU A 283 13.92 -4.89 -7.47
C GLU A 283 14.07 -4.38 -6.05
N GLN A 284 13.03 -3.75 -5.51
CA GLN A 284 13.02 -3.32 -4.12
C GLN A 284 11.77 -3.85 -3.45
N MET A 285 11.95 -4.44 -2.27
CA MET A 285 10.90 -5.24 -1.64
C MET A 285 9.75 -4.38 -1.13
N ALA A 286 8.54 -4.91 -1.24
CA ALA A 286 7.30 -4.28 -0.78
C ALA A 286 7.17 -2.84 -1.27
N SER A 287 7.70 -2.56 -2.46
CA SER A 287 7.65 -1.23 -3.05
C SER A 287 6.54 -1.09 -4.07
N TYR A 288 5.38 -1.72 -3.86
CA TYR A 288 4.23 -1.62 -4.75
C TYR A 288 4.52 -2.31 -6.08
N PHE A 289 5.32 -3.38 -6.05
CA PHE A 289 5.69 -4.10 -7.26
C PHE A 289 4.74 -5.28 -7.43
N GLY A 290 3.98 -5.28 -8.52
CA GLY A 290 3.10 -6.40 -8.81
C GLY A 290 1.64 -6.03 -8.96
N HIS A 291 1.34 -4.74 -9.09
CA HIS A 291 -0.03 -4.30 -9.32
C HIS A 291 -0.23 -3.76 -10.73
N SER A 292 0.52 -2.75 -11.13
CA SER A 292 0.24 -2.09 -12.40
C SER A 292 1.05 -2.73 -13.52
N VAL A 293 0.37 -3.13 -14.59
CA VAL A 293 1.01 -3.62 -15.79
C VAL A 293 0.37 -2.93 -16.99
N ALA A 294 1.14 -2.71 -18.04
CA ALA A 294 0.63 -2.10 -19.24
C ALA A 294 1.40 -2.62 -20.43
N VAL A 295 0.84 -3.62 -21.11
CA VAL A 295 1.46 -4.22 -22.29
C VAL A 295 1.29 -3.24 -23.43
N THR A 296 2.37 -2.55 -23.77
CA THR A 296 2.38 -1.61 -24.88
C THR A 296 3.76 -1.61 -25.52
N ASP A 297 3.82 -1.20 -26.77
CA ASP A 297 5.05 -1.22 -27.55
C ASP A 297 5.67 0.18 -27.47
N VAL A 298 6.51 0.36 -26.44
CA VAL A 298 7.09 1.68 -26.17
C VAL A 298 8.12 2.05 -27.22
N ASN A 299 8.95 1.10 -27.65
CA ASN A 299 10.12 1.41 -28.45
C ASN A 299 9.80 1.56 -29.94
N GLY A 300 8.66 1.10 -30.40
CA GLY A 300 8.30 1.25 -31.79
C GLY A 300 8.82 0.18 -32.73
N ASP A 301 9.59 -0.79 -32.24
CA ASP A 301 10.13 -1.82 -33.11
C ASP A 301 9.03 -2.78 -33.57
N GLY A 302 8.17 -3.19 -32.65
CA GLY A 302 7.13 -4.15 -32.97
C GLY A 302 7.01 -5.23 -31.91
N ARG A 303 7.89 -5.20 -30.91
CA ARG A 303 7.91 -6.19 -29.84
C ARG A 303 7.25 -5.60 -28.60
N HIS A 304 6.25 -6.30 -28.07
CA HIS A 304 5.46 -5.82 -26.95
C HIS A 304 6.26 -5.87 -25.66
N ASP A 305 6.56 -4.69 -25.12
CA ASP A 305 7.34 -4.55 -23.90
C ASP A 305 6.41 -4.56 -22.68
N LEU A 306 6.96 -4.22 -21.52
CA LEU A 306 6.23 -4.36 -20.26
C LEU A 306 6.55 -3.18 -19.35
N LEU A 307 5.53 -2.74 -18.60
CA LEU A 307 5.68 -1.70 -17.59
C LEU A 307 5.15 -2.22 -16.26
N VAL A 308 5.76 -1.78 -15.16
CA VAL A 308 5.31 -2.12 -13.82
C VAL A 308 5.31 -0.85 -13.00
N GLY A 309 4.19 -0.54 -12.34
CA GLY A 309 4.16 0.56 -11.41
C GLY A 309 4.68 0.17 -10.04
N ALA A 310 5.15 1.18 -9.31
CA ALA A 310 5.60 0.98 -7.94
C ALA A 310 5.52 2.27 -7.13
N PRO A 311 4.32 2.74 -6.78
CA PRO A 311 4.21 4.03 -6.09
C PRO A 311 4.91 4.12 -4.75
N LEU A 312 5.12 3.03 -4.01
CA LEU A 312 5.84 3.10 -2.74
C LEU A 312 7.33 2.83 -2.90
N TYR A 313 7.88 3.12 -4.07
CA TYR A 313 9.32 3.03 -4.24
C TYR A 313 9.98 4.16 -3.45
N MET A 314 10.55 3.83 -2.29
CA MET A 314 11.23 4.82 -1.46
C MET A 314 12.71 4.80 -1.81
N GLU A 315 13.28 5.99 -2.00
CA GLU A 315 14.70 6.14 -2.27
C GLU A 315 15.30 7.12 -1.25
N SER A 316 16.55 7.48 -1.46
CA SER A 316 17.31 8.31 -0.53
C SER A 316 17.45 9.73 -1.06
N ARG A 317 17.65 10.65 -0.13
CA ARG A 317 17.87 12.06 -0.45
C ARG A 317 19.03 12.56 0.41
N ALA A 318 19.23 13.87 0.41
CA ALA A 318 20.30 14.49 1.20
C ALA A 318 19.79 14.92 2.58
N ASP A 319 18.68 15.66 2.61
CA ASP A 319 18.14 16.12 3.89
C ASP A 319 17.73 14.96 4.78
N ARG A 320 17.03 13.98 4.21
CA ARG A 320 16.65 12.76 4.91
C ARG A 320 16.85 11.59 3.96
N LYS A 321 17.11 10.41 4.52
CA LYS A 321 17.44 9.25 3.70
C LYS A 321 16.22 8.55 3.12
N LEU A 322 15.03 9.14 3.25
CA LEU A 322 13.79 8.53 2.77
C LEU A 322 13.16 9.42 1.70
N ALA A 323 12.73 8.80 0.60
CA ALA A 323 12.01 9.52 -0.44
C ALA A 323 11.04 8.57 -1.12
N GLU A 324 9.79 8.57 -0.68
CA GLU A 324 8.73 7.76 -1.29
C GLU A 324 8.17 8.57 -2.45
N VAL A 325 8.73 8.36 -3.64
CA VAL A 325 8.36 9.13 -4.82
C VAL A 325 7.76 8.22 -5.87
N GLY A 326 7.83 6.91 -5.65
CA GLY A 326 7.31 5.95 -6.62
C GLY A 326 8.18 5.80 -7.84
N ARG A 327 8.09 4.65 -8.50
CA ARG A 327 8.94 4.41 -9.66
C ARG A 327 8.20 3.46 -10.61
N VAL A 328 8.39 3.70 -11.90
CA VAL A 328 7.79 2.89 -12.96
C VAL A 328 8.93 2.22 -13.71
N TYR A 329 8.98 0.89 -13.64
CA TYR A 329 10.06 0.13 -14.28
C TYR A 329 9.73 -0.10 -15.75
N LEU A 330 10.75 -0.32 -16.55
CA LEU A 330 10.61 -0.73 -17.94
C LEU A 330 11.34 -2.04 -18.16
N PHE A 331 10.63 -3.03 -18.69
CA PHE A 331 11.23 -4.28 -19.13
C PHE A 331 10.97 -4.45 -20.62
N LEU A 332 12.01 -4.26 -21.43
CA LEU A 332 11.89 -4.32 -22.88
C LEU A 332 11.81 -5.79 -23.29
N GLN A 333 11.51 -6.08 -24.54
CA GLN A 333 11.47 -7.49 -24.90
C GLN A 333 12.54 -7.76 -25.96
N PRO A 334 13.62 -8.43 -25.59
CA PRO A 334 14.74 -8.63 -26.50
C PRO A 334 14.38 -9.55 -27.66
N ARG A 335 15.14 -9.39 -28.76
CA ARG A 335 14.93 -10.22 -29.93
C ARG A 335 15.24 -11.67 -29.62
N GLY A 336 14.47 -12.58 -30.23
CA GLY A 336 14.63 -13.99 -30.01
C GLY A 336 13.99 -14.44 -28.71
N PRO A 337 14.36 -15.64 -28.24
CA PRO A 337 13.77 -16.20 -27.03
C PRO A 337 14.35 -15.69 -25.72
N HIS A 338 15.15 -14.63 -25.74
CA HIS A 338 15.72 -14.10 -24.51
C HIS A 338 14.63 -13.55 -23.60
N ALA A 339 14.76 -13.79 -22.31
CA ALA A 339 13.73 -13.42 -21.34
C ALA A 339 13.90 -11.96 -20.94
N LEU A 340 12.93 -11.44 -20.19
CA LEU A 340 13.04 -10.10 -19.63
C LEU A 340 13.85 -10.16 -18.34
N GLY A 341 14.88 -9.32 -18.24
CA GLY A 341 15.78 -9.41 -17.10
C GLY A 341 15.78 -8.19 -16.20
N ALA A 342 16.91 -7.49 -16.14
CA ALA A 342 17.03 -6.30 -15.33
C ALA A 342 16.13 -5.20 -15.88
N PRO A 343 15.68 -4.24 -15.04
CA PRO A 343 14.76 -3.22 -15.53
C PRO A 343 15.43 -2.25 -16.48
N SER A 344 14.93 -2.20 -17.72
CA SER A 344 15.57 -1.40 -18.76
C SER A 344 15.60 0.08 -18.41
N LEU A 345 14.57 0.57 -17.71
CA LEU A 345 14.49 1.98 -17.38
C LEU A 345 13.81 2.15 -16.03
N LEU A 346 14.28 3.13 -15.28
CA LEU A 346 13.76 3.44 -13.94
C LEU A 346 13.30 4.89 -13.94
N LEU A 347 11.98 5.09 -13.92
CA LEU A 347 11.39 6.43 -13.90
C LEU A 347 11.18 6.84 -12.45
N THR A 348 11.72 8.01 -12.08
CA THR A 348 11.67 8.49 -10.72
C THR A 348 10.65 9.62 -10.59
N GLY A 349 9.97 9.65 -9.44
CA GLY A 349 9.12 10.77 -9.09
C GLY A 349 9.88 11.83 -8.31
N THR A 350 9.19 12.93 -8.06
CA THR A 350 9.82 14.01 -7.31
C THR A 350 9.08 14.37 -6.04
N GLN A 351 7.74 14.37 -6.05
CA GLN A 351 6.98 14.73 -4.88
C GLN A 351 6.99 13.60 -3.86
N LEU A 352 7.42 13.92 -2.64
CA LEU A 352 7.47 12.92 -1.58
C LEU A 352 6.05 12.56 -1.16
N TYR A 353 5.82 11.29 -0.85
CA TYR A 353 4.48 10.72 -0.64
C TYR A 353 3.65 10.84 -1.91
N GLY A 354 4.31 10.76 -3.06
CA GLY A 354 3.65 11.12 -4.31
C GLY A 354 2.66 10.10 -4.82
N ARG A 355 2.75 8.85 -4.34
CA ARG A 355 1.92 7.75 -4.84
C ARG A 355 2.02 7.60 -6.36
N PHE A 356 3.24 7.69 -6.90
CA PHE A 356 3.44 7.81 -8.34
C PHE A 356 3.61 6.43 -8.96
N GLY A 357 2.66 6.05 -9.82
CA GLY A 357 2.71 4.75 -10.46
C GLY A 357 1.51 3.87 -10.18
N SER A 358 0.48 4.43 -9.56
CA SER A 358 -0.70 3.66 -9.20
C SER A 358 -1.51 3.21 -10.41
N ALA A 359 -1.36 3.86 -11.56
CA ALA A 359 -2.05 3.44 -12.76
C ALA A 359 -1.20 3.80 -13.96
N ILE A 360 -1.10 2.87 -14.90
CA ILE A 360 -0.35 3.05 -16.14
C ILE A 360 -1.30 2.82 -17.30
N ALA A 361 -1.34 3.80 -18.21
CA ALA A 361 -2.28 3.75 -19.31
C ALA A 361 -1.55 3.98 -20.63
N PRO A 362 -1.60 3.02 -21.55
CA PRO A 362 -1.02 3.26 -22.88
C PRO A 362 -1.88 4.22 -23.70
N LEU A 363 -1.38 5.43 -23.91
CA LEU A 363 -2.12 6.47 -24.61
C LEU A 363 -1.89 6.43 -26.12
N GLY A 364 -1.16 5.43 -26.60
CA GLY A 364 -0.95 5.32 -28.04
C GLY A 364 -0.07 6.43 -28.56
N ASP A 365 -0.19 6.68 -29.87
CA ASP A 365 0.58 7.73 -30.53
C ASP A 365 -0.05 9.08 -30.17
N LEU A 366 0.20 9.50 -28.93
CA LEU A 366 -0.41 10.73 -28.42
C LEU A 366 0.06 11.94 -29.20
N ASP A 367 1.35 12.00 -29.54
CA ASP A 367 1.91 13.09 -30.30
C ASP A 367 2.05 12.77 -31.79
N ARG A 368 1.67 11.56 -32.20
CA ARG A 368 1.86 11.09 -33.58
C ARG A 368 3.33 11.15 -33.98
N ASP A 369 4.22 10.80 -33.05
CA ASP A 369 5.65 10.78 -33.35
C ASP A 369 6.09 9.43 -33.90
N GLY A 370 5.30 8.38 -33.69
CA GLY A 370 5.64 7.05 -34.15
C GLY A 370 5.87 6.03 -33.06
N TYR A 371 5.82 6.41 -31.79
CA TYR A 371 6.05 5.50 -30.67
C TYR A 371 4.94 5.67 -29.64
N ASN A 372 4.63 4.59 -28.94
CA ASN A 372 3.57 4.62 -27.94
C ASN A 372 4.01 5.38 -26.70
N ASP A 373 3.09 6.15 -26.13
CA ASP A 373 3.33 6.95 -24.94
C ASP A 373 2.43 6.46 -23.82
N ILE A 374 2.87 6.69 -22.57
CA ILE A 374 2.11 6.28 -21.39
C ILE A 374 1.94 7.49 -20.48
N ALA A 375 0.95 7.38 -19.59
CA ALA A 375 0.65 8.41 -18.60
C ALA A 375 0.58 7.76 -17.23
N VAL A 376 1.59 8.03 -16.40
CA VAL A 376 1.72 7.39 -15.10
C VAL A 376 0.91 8.19 -14.09
N ALA A 377 0.19 7.49 -13.23
CA ALA A 377 -0.72 8.09 -12.28
C ALA A 377 0.02 8.56 -11.02
N ALA A 378 -0.58 9.53 -10.34
CA ALA A 378 -0.13 10.01 -9.05
C ALA A 378 -1.33 10.60 -8.30
N PRO A 379 -2.07 9.78 -7.56
CA PRO A 379 -3.27 10.28 -6.88
C PRO A 379 -3.01 11.43 -5.92
N TYR A 380 -1.86 11.45 -5.24
CA TYR A 380 -1.54 12.48 -4.26
C TYR A 380 -0.13 13.00 -4.44
N GLY A 381 0.23 13.30 -5.69
CA GLY A 381 1.45 14.02 -5.97
C GLY A 381 1.23 15.52 -5.89
N GLY A 382 2.18 16.26 -6.44
CA GLY A 382 2.07 17.70 -6.52
C GLY A 382 2.44 18.40 -5.23
N PRO A 383 2.70 19.71 -5.32
CA PRO A 383 3.16 20.44 -4.13
C PRO A 383 2.19 20.41 -2.96
N SER A 384 0.88 20.45 -3.22
CA SER A 384 -0.11 20.52 -2.17
C SER A 384 -0.73 19.16 -1.84
N GLY A 385 -0.25 18.08 -2.44
CA GLY A 385 -0.82 16.77 -2.20
C GLY A 385 -2.23 16.63 -2.71
N ARG A 386 -2.49 17.13 -3.92
CA ARG A 386 -3.80 17.06 -4.54
C ARG A 386 -3.90 16.02 -5.63
N GLY A 387 -2.88 15.83 -6.46
CA GLY A 387 -2.88 14.83 -7.50
C GLY A 387 -2.16 15.29 -8.74
N GLN A 388 -1.53 14.34 -9.43
CA GLN A 388 -0.78 14.63 -10.64
C GLN A 388 -0.99 13.50 -11.64
N VAL A 389 -0.91 13.85 -12.92
CA VAL A 389 -0.90 12.86 -14.00
C VAL A 389 0.30 13.18 -14.87
N LEU A 390 1.29 12.30 -14.89
CA LEU A 390 2.57 12.55 -15.54
C LEU A 390 2.65 11.74 -16.83
N VAL A 391 2.84 12.44 -17.94
CA VAL A 391 2.89 11.83 -19.27
C VAL A 391 4.34 11.65 -19.68
N PHE A 392 4.74 10.39 -19.88
CA PHE A 392 6.07 10.05 -20.37
C PHE A 392 5.94 9.61 -21.82
N LEU A 393 6.85 10.07 -22.67
CA LEU A 393 6.78 9.79 -24.09
C LEU A 393 7.69 8.62 -24.44
N GLY A 394 7.35 7.92 -25.52
CA GLY A 394 8.09 6.77 -25.96
C GLY A 394 9.07 7.07 -27.07
N GLN A 395 10.15 6.28 -27.16
CA GLN A 395 11.17 6.49 -28.16
C GLN A 395 11.93 5.19 -28.35
N SER A 396 12.95 5.23 -29.21
CA SER A 396 13.72 4.04 -29.53
C SER A 396 14.40 3.43 -28.31
N GLU A 397 14.95 4.26 -27.43
CA GLU A 397 15.61 3.76 -26.22
C GLU A 397 14.63 3.44 -25.11
N GLY A 398 13.37 3.85 -25.24
CA GLY A 398 12.38 3.60 -24.19
C GLY A 398 11.51 4.80 -23.91
N LEU A 399 11.53 5.25 -22.65
CA LEU A 399 10.72 6.38 -22.21
C LEU A 399 11.64 7.51 -21.77
N ARG A 400 11.29 8.74 -22.15
CA ARG A 400 12.00 9.89 -21.61
C ARG A 400 11.64 10.09 -20.15
N SER A 401 12.66 10.22 -19.29
CA SER A 401 12.42 10.33 -17.86
C SER A 401 11.81 11.67 -17.47
N ARG A 402 11.78 12.63 -18.38
CA ARG A 402 11.19 13.93 -18.09
C ARG A 402 9.72 13.92 -18.51
N PRO A 403 8.77 14.06 -17.57
CA PRO A 403 7.36 14.13 -17.96
C PRO A 403 7.09 15.32 -18.86
N SER A 404 6.71 15.04 -20.11
CA SER A 404 6.51 16.10 -21.08
C SER A 404 5.38 17.04 -20.68
N GLN A 405 4.35 16.49 -20.04
CA GLN A 405 3.21 17.30 -19.62
C GLN A 405 2.65 16.73 -18.33
N VAL A 406 2.47 17.60 -17.34
CA VAL A 406 1.92 17.23 -16.04
C VAL A 406 0.59 17.96 -15.88
N LEU A 407 -0.47 17.21 -15.67
CA LEU A 407 -1.81 17.76 -15.51
C LEU A 407 -2.14 17.83 -14.02
N ASP A 408 -2.37 19.04 -13.53
CA ASP A 408 -2.71 19.25 -12.12
C ASP A 408 -4.20 19.01 -11.93
N SER A 409 -4.63 18.87 -10.68
CA SER A 409 -5.97 18.40 -10.35
C SER A 409 -6.94 19.57 -10.33
N PRO A 410 -7.94 19.60 -11.20
CA PRO A 410 -9.04 20.63 -11.05
C PRO A 410 -9.81 20.50 -9.75
N PHE A 411 -9.96 19.28 -9.24
CA PHE A 411 -10.72 19.04 -8.03
C PHE A 411 -9.94 19.47 -6.79
N PRO A 412 -10.63 19.70 -5.67
CA PRO A 412 -9.91 20.09 -4.43
C PRO A 412 -9.18 18.93 -3.79
N THR A 413 -8.61 19.18 -2.61
CA THR A 413 -7.78 18.18 -1.93
C THR A 413 -8.63 16.99 -1.50
N GLY A 414 -8.10 15.78 -1.75
CA GLY A 414 -8.75 14.55 -1.36
C GLY A 414 -9.51 13.84 -2.45
N SER A 415 -9.44 14.34 -3.69
CA SER A 415 -10.24 13.76 -4.77
C SER A 415 -9.64 12.47 -5.33
N ALA A 416 -8.40 12.16 -4.97
CA ALA A 416 -7.67 11.01 -5.53
C ALA A 416 -7.61 11.11 -7.05
N PHE A 417 -7.29 12.31 -7.53
CA PHE A 417 -7.25 12.57 -8.96
C PHE A 417 -6.14 11.78 -9.62
N GLY A 418 -6.45 11.19 -10.77
CA GLY A 418 -5.48 10.40 -11.50
C GLY A 418 -5.53 8.91 -11.21
N PHE A 419 -6.52 8.45 -10.45
CA PHE A 419 -6.54 7.06 -10.01
C PHE A 419 -6.69 6.09 -11.17
N SER A 420 -7.67 6.33 -12.05
CA SER A 420 -7.96 5.43 -13.15
C SER A 420 -7.82 6.17 -14.48
N LEU A 421 -7.09 5.57 -15.41
CA LEU A 421 -6.73 6.22 -16.66
C LEU A 421 -7.01 5.26 -17.82
N ARG A 422 -7.47 5.83 -18.93
CA ARG A 422 -7.74 5.05 -20.14
C ARG A 422 -7.40 5.89 -21.36
N GLY A 423 -6.93 5.23 -22.41
CA GLY A 423 -6.50 5.96 -23.59
C GLY A 423 -6.60 5.15 -24.87
N ALA A 424 -6.02 5.71 -25.92
CA ALA A 424 -5.91 5.10 -27.25
C ALA A 424 -7.26 5.00 -27.96
N VAL A 425 -8.18 5.93 -27.68
CA VAL A 425 -9.44 6.03 -28.40
C VAL A 425 -9.70 7.49 -28.74
N ASP A 426 -10.07 7.77 -29.99
CA ASP A 426 -10.32 9.11 -30.48
C ASP A 426 -11.78 9.46 -30.23
N ILE A 427 -12.02 10.22 -29.15
CA ILE A 427 -13.39 10.52 -28.74
C ILE A 427 -13.98 11.69 -29.53
N ASP A 428 -13.15 12.51 -30.17
CA ASP A 428 -13.62 13.69 -30.89
C ASP A 428 -13.37 13.62 -32.38
N ASP A 429 -12.76 12.54 -32.87
CA ASP A 429 -12.43 12.39 -34.29
C ASP A 429 -11.59 13.56 -34.80
N ASN A 430 -10.66 14.02 -33.96
CA ASN A 430 -9.74 15.10 -34.34
C ASN A 430 -8.36 14.58 -34.70
N GLY A 431 -8.14 13.27 -34.65
CA GLY A 431 -6.88 12.68 -35.04
C GLY A 431 -5.97 12.26 -33.89
N TYR A 432 -6.30 12.61 -32.65
CA TYR A 432 -5.49 12.24 -31.51
C TYR A 432 -6.36 11.67 -30.40
N PRO A 433 -5.84 10.68 -29.65
CA PRO A 433 -6.63 10.09 -28.57
C PRO A 433 -6.93 11.10 -27.48
N ASP A 434 -8.11 10.99 -26.90
CA ASP A 434 -8.57 11.85 -25.82
C ASP A 434 -8.64 11.05 -24.52
N LEU A 435 -7.96 11.56 -23.51
CA LEU A 435 -7.74 10.83 -22.26
C LEU A 435 -8.83 11.21 -21.26
N ILE A 436 -9.35 10.21 -20.56
CA ILE A 436 -10.33 10.39 -19.50
C ILE A 436 -9.75 9.84 -18.21
N VAL A 437 -9.96 10.54 -17.10
CA VAL A 437 -9.34 10.22 -15.82
C VAL A 437 -10.43 10.23 -14.76
N GLY A 438 -10.38 9.25 -13.85
CA GLY A 438 -11.38 9.13 -12.81
C GLY A 438 -10.87 9.60 -11.46
N ALA A 439 -11.68 10.42 -10.79
CA ALA A 439 -11.42 10.86 -9.43
C ALA A 439 -12.70 10.68 -8.62
N TYR A 440 -12.67 9.72 -7.69
CA TYR A 440 -13.86 9.35 -6.95
C TYR A 440 -14.12 10.26 -5.75
N GLY A 441 -13.08 10.95 -5.26
CA GLY A 441 -13.30 11.90 -4.17
C GLY A 441 -14.20 13.05 -4.60
N ALA A 442 -14.05 13.51 -5.84
CA ALA A 442 -14.89 14.56 -6.39
C ALA A 442 -16.12 14.02 -7.12
N ASN A 443 -16.25 12.70 -7.25
CA ASN A 443 -17.37 12.06 -7.96
C ASN A 443 -17.48 12.60 -9.39
N GLN A 444 -16.33 12.80 -10.02
CA GLN A 444 -16.30 13.45 -11.32
C GLN A 444 -15.22 12.81 -12.18
N VAL A 445 -15.32 13.08 -13.48
CA VAL A 445 -14.37 12.55 -14.48
C VAL A 445 -13.98 13.70 -15.40
N ALA A 446 -12.69 13.90 -15.60
CA ALA A 446 -12.17 14.98 -16.42
C ALA A 446 -11.71 14.43 -17.77
N VAL A 447 -12.33 14.91 -18.84
CA VAL A 447 -12.01 14.49 -20.20
C VAL A 447 -11.18 15.58 -20.85
N TYR A 448 -9.94 15.24 -21.20
CA TYR A 448 -9.03 16.15 -21.90
C TYR A 448 -9.01 15.81 -23.38
N ARG A 449 -9.18 16.83 -24.22
CA ARG A 449 -9.15 16.68 -25.66
C ARG A 449 -7.79 17.10 -26.18
N ALA A 450 -7.07 16.16 -26.77
CA ALA A 450 -5.72 16.42 -27.25
C ALA A 450 -5.73 17.43 -28.39
N GLN A 451 -4.74 18.33 -28.38
CA GLN A 451 -4.61 19.34 -29.41
C GLN A 451 -4.13 18.73 -30.71
N SER B 59 32.81 36.24 9.94
CA SER B 59 32.71 34.80 10.08
C SER B 59 32.83 34.38 11.54
N GLU B 60 31.70 34.33 12.24
CA GLU B 60 31.66 34.00 13.65
C GLU B 60 30.67 32.86 13.90
N ALA B 61 31.02 31.97 14.81
CA ALA B 61 30.17 30.85 15.23
C ALA B 61 30.14 30.76 16.75
N ARG B 62 29.95 31.91 17.40
CA ARG B 62 29.96 31.95 18.86
C ARG B 62 28.80 31.15 19.43
N VAL B 63 29.08 30.42 20.51
CA VAL B 63 28.06 29.59 21.15
C VAL B 63 27.02 30.51 21.80
N LEU B 64 25.78 30.43 21.34
CA LEU B 64 24.73 31.25 21.91
C LEU B 64 24.36 30.79 23.31
N GLU B 65 24.43 29.47 23.56
CA GLU B 65 24.14 28.93 24.88
C GLU B 65 24.76 27.54 24.97
N ASP B 66 25.31 27.22 26.14
CA ASP B 66 25.94 25.94 26.38
C ASP B 66 25.75 25.55 27.84
N ARG B 67 25.53 24.27 28.09
CA ARG B 67 25.35 23.74 29.43
C ARG B 67 26.25 22.52 29.61
N PRO B 68 26.66 22.24 30.85
CA PRO B 68 27.50 21.06 31.09
C PRO B 68 26.71 19.77 30.87
N LEU B 69 27.36 18.81 30.22
CA LEU B 69 26.76 17.50 30.01
C LEU B 69 26.64 16.78 31.35
N SER B 70 25.46 16.21 31.61
CA SER B 70 25.21 15.56 32.88
C SER B 70 26.03 14.26 32.99
N ASP B 71 26.03 13.70 34.20
CA ASP B 71 26.70 12.43 34.46
C ASP B 71 25.74 11.33 34.84
N LYS B 72 24.92 11.53 35.86
CA LYS B 72 23.92 10.55 36.28
C LYS B 72 22.61 11.26 36.56
N GLY B 73 21.51 10.72 36.05
CA GLY B 73 20.22 11.35 36.21
C GLY B 73 19.36 10.72 37.29
N SER B 74 19.27 11.36 38.45
CA SER B 74 18.39 10.92 39.51
C SER B 74 17.05 11.66 39.49
N GLY B 75 17.04 12.88 38.98
CA GLY B 75 15.83 13.65 38.87
C GLY B 75 16.02 14.81 37.92
N ASP B 76 15.04 15.70 37.91
CA ASP B 76 15.01 16.90 37.07
C ASP B 76 15.50 16.61 35.65
N SER B 77 14.79 15.68 34.99
CA SER B 77 15.15 15.26 33.65
C SER B 77 14.96 16.35 32.60
N SER B 78 14.27 17.44 32.94
CA SER B 78 14.02 18.50 31.97
C SER B 78 15.28 19.26 31.57
N GLN B 79 16.34 19.18 32.37
CA GLN B 79 17.58 19.90 32.11
C GLN B 79 18.77 18.95 32.00
N VAL B 80 18.55 17.79 31.38
CA VAL B 80 19.63 16.82 31.21
C VAL B 80 20.70 17.38 30.29
N THR B 81 20.30 17.98 29.17
CA THR B 81 21.20 18.63 28.22
C THR B 81 22.29 17.66 27.75
N GLN B 82 21.84 16.62 27.02
CA GLN B 82 22.74 15.57 26.56
C GLN B 82 23.55 15.97 25.33
N VAL B 83 23.32 17.15 24.75
CA VAL B 83 24.09 17.64 23.62
C VAL B 83 24.60 19.04 23.95
N SER B 84 25.89 19.26 23.72
CA SER B 84 26.50 20.58 23.85
C SER B 84 27.36 20.85 22.63
N PRO B 85 27.38 22.11 22.15
CA PRO B 85 26.61 23.26 22.60
C PRO B 85 25.16 23.19 22.12
N GLN B 86 24.25 23.94 22.75
CA GLN B 86 22.85 23.86 22.36
C GLN B 86 22.55 24.76 21.17
N ARG B 87 22.88 26.05 21.28
CA ARG B 87 22.60 27.01 20.23
C ARG B 87 23.88 27.73 19.83
N ILE B 88 24.12 27.82 18.53
CA ILE B 88 25.26 28.54 17.99
C ILE B 88 24.80 29.41 16.84
N ALA B 89 25.18 30.69 16.87
CA ALA B 89 24.81 31.65 15.84
C ALA B 89 25.87 31.62 14.75
N LEU B 90 25.46 31.28 13.54
CA LEU B 90 26.36 31.15 12.39
C LEU B 90 26.25 32.39 11.51
N ARG B 91 27.38 33.06 11.28
CA ARG B 91 27.47 34.21 10.40
C ARG B 91 28.49 33.90 9.31
N LEU B 92 28.00 33.64 8.10
CA LEU B 92 28.86 33.24 6.99
C LEU B 92 28.84 34.32 5.92
N ARG B 93 30.02 34.84 5.58
CA ARG B 93 30.12 35.79 4.49
C ARG B 93 29.91 35.08 3.16
N PRO B 94 29.48 35.80 2.13
CA PRO B 94 29.18 35.15 0.84
C PRO B 94 30.40 34.44 0.27
N ASP B 95 30.14 33.28 -0.33
CA ASP B 95 31.17 32.44 -0.95
C ASP B 95 32.29 32.13 0.03
N ASP B 96 31.92 31.45 1.11
CA ASP B 96 32.88 31.03 2.14
C ASP B 96 32.27 29.84 2.89
N SER B 97 33.02 29.36 3.88
CA SER B 97 32.61 28.21 4.68
C SER B 97 33.09 28.39 6.11
N LYS B 98 32.46 27.65 7.01
CA LYS B 98 32.80 27.70 8.43
C LYS B 98 32.52 26.35 9.07
N ASN B 99 33.15 26.11 10.21
CA ASN B 99 33.02 24.85 10.93
C ASN B 99 32.68 25.10 12.39
N PHE B 100 31.94 24.17 12.98
CA PHE B 100 31.60 24.20 14.40
C PHE B 100 31.77 22.80 14.98
N SER B 101 32.04 22.75 16.28
CA SER B 101 32.34 21.51 16.98
C SER B 101 31.12 21.04 17.77
N ILE B 102 30.91 19.73 17.76
CA ILE B 102 29.76 19.11 18.42
C ILE B 102 30.27 18.01 19.35
N GLN B 103 29.67 17.91 20.52
CA GLN B 103 30.14 17.05 21.60
C GLN B 103 29.01 16.19 22.15
N VAL B 104 28.30 15.50 21.27
CA VAL B 104 27.20 14.64 21.71
C VAL B 104 27.70 13.63 22.75
N ARG B 105 26.87 13.39 23.76
CA ARG B 105 27.21 12.46 24.83
C ARG B 105 25.92 12.00 25.48
N GLN B 106 25.62 10.71 25.36
CA GLN B 106 24.41 10.15 25.94
C GLN B 106 24.67 9.76 27.39
N VAL B 107 23.80 10.20 28.29
CA VAL B 107 24.01 10.04 29.71
C VAL B 107 23.28 8.80 30.21
N GLU B 108 23.78 8.23 31.31
CA GLU B 108 23.17 7.09 31.96
C GLU B 108 21.93 7.54 32.74
N ASP B 109 21.03 6.58 33.01
CA ASP B 109 19.76 6.84 33.68
C ASP B 109 18.93 7.89 32.93
N TYR B 110 18.81 7.72 31.62
CA TYR B 110 17.98 8.60 30.81
C TYR B 110 16.61 7.96 30.63
N PRO B 111 15.54 8.53 31.19
CA PRO B 111 14.22 7.91 31.09
C PRO B 111 13.83 7.62 29.64
N VAL B 112 13.19 6.46 29.45
CA VAL B 112 12.69 6.05 28.15
C VAL B 112 11.28 5.51 28.32
N ASP B 113 10.53 5.51 27.22
CA ASP B 113 9.17 4.99 27.17
C ASP B 113 9.09 3.97 26.05
N ILE B 114 8.38 2.87 26.30
CA ILE B 114 8.33 1.74 25.38
C ILE B 114 6.87 1.40 25.13
N TYR B 115 6.48 1.34 23.86
CA TYR B 115 5.12 0.99 23.46
C TYR B 115 5.19 -0.36 22.76
N TYR B 116 4.64 -1.38 23.40
CA TYR B 116 4.73 -2.75 22.91
C TYR B 116 3.56 -3.04 21.99
N LEU B 117 3.80 -3.01 20.68
CA LEU B 117 2.78 -3.30 19.68
C LEU B 117 2.90 -4.75 19.25
N MET B 118 1.76 -5.43 19.14
CA MET B 118 1.75 -6.87 18.98
C MET B 118 0.70 -7.29 17.95
N ASP B 119 1.01 -8.35 17.21
CA ASP B 119 0.05 -8.99 16.33
C ASP B 119 -0.79 -10.01 17.09
N LEU B 120 -2.07 -10.09 16.77
CA LEU B 120 -2.99 -10.95 17.51
C LEU B 120 -3.95 -11.68 16.58
N SER B 121 -3.42 -12.23 15.50
CA SER B 121 -4.21 -13.11 14.64
C SER B 121 -4.27 -14.51 15.26
N TYR B 122 -4.94 -15.44 14.56
CA TYR B 122 -5.12 -16.77 15.12
C TYR B 122 -3.81 -17.52 15.25
N SER B 123 -2.90 -17.37 14.27
CA SER B 123 -1.58 -17.96 14.38
C SER B 123 -0.73 -17.26 15.44
N MET B 124 -1.20 -16.14 15.96
CA MET B 124 -0.48 -15.31 16.93
C MET B 124 -0.92 -15.62 18.37
N LYS B 125 -1.75 -16.66 18.55
CA LYS B 125 -2.36 -16.94 19.84
C LYS B 125 -1.35 -17.41 20.87
N ASP B 126 -0.52 -18.40 20.52
CA ASP B 126 0.31 -19.07 21.50
C ASP B 126 1.36 -18.14 22.09
N ASP B 127 1.75 -17.10 21.35
CA ASP B 127 2.68 -16.12 21.90
C ASP B 127 2.04 -15.33 23.03
N LEU B 128 0.74 -15.06 22.94
CA LEU B 128 0.03 -14.31 23.97
C LEU B 128 0.03 -15.04 25.31
N TRP B 129 0.29 -16.34 25.31
CA TRP B 129 0.33 -17.10 26.56
C TRP B 129 1.65 -16.95 27.30
N SER B 130 2.53 -16.03 26.85
CA SER B 130 3.79 -15.77 27.54
C SER B 130 4.04 -14.27 27.69
N ILE B 131 2.99 -13.46 27.73
CA ILE B 131 3.09 -12.02 27.96
C ILE B 131 2.43 -11.60 29.26
N GLN B 132 1.97 -12.54 30.08
CA GLN B 132 1.27 -12.20 31.31
C GLN B 132 2.20 -11.57 32.35
N ASN B 133 3.51 -11.77 32.22
CA ASN B 133 4.48 -11.24 33.19
C ASN B 133 5.62 -10.55 32.47
N LEU B 134 5.36 -10.00 31.28
CA LEU B 134 6.38 -9.28 30.54
C LEU B 134 6.75 -7.96 31.21
N GLY B 135 5.77 -7.28 31.82
CA GLY B 135 6.04 -5.98 32.42
C GLY B 135 7.01 -6.07 33.58
N THR B 136 6.80 -7.04 34.47
CA THR B 136 7.68 -7.18 35.62
C THR B 136 9.10 -7.58 35.18
N LYS B 137 9.21 -8.48 34.21
CA LYS B 137 10.52 -8.93 33.76
C LYS B 137 11.26 -7.84 33.01
N LEU B 138 10.55 -7.07 32.18
CA LEU B 138 11.19 -5.99 31.45
C LEU B 138 11.62 -4.86 32.38
N ALA B 139 10.83 -4.60 33.42
CA ALA B 139 11.18 -3.54 34.36
C ALA B 139 12.48 -3.85 35.09
N THR B 140 12.65 -5.10 35.52
CA THR B 140 13.87 -5.48 36.23
C THR B 140 15.09 -5.38 35.33
N GLN B 141 14.96 -5.82 34.07
CA GLN B 141 16.11 -5.82 33.17
C GLN B 141 16.50 -4.40 32.77
N MET B 142 15.51 -3.56 32.44
CA MET B 142 15.80 -2.19 32.03
C MET B 142 16.22 -1.30 33.20
N ARG B 143 15.99 -1.74 34.45
CA ARG B 143 16.37 -0.94 35.60
C ARG B 143 17.88 -0.79 35.71
N LYS B 144 18.63 -1.77 35.22
CA LYS B 144 20.09 -1.69 35.28
C LYS B 144 20.62 -0.60 34.37
N LEU B 145 19.86 -0.20 33.36
CA LEU B 145 20.30 0.79 32.39
C LEU B 145 19.49 2.07 32.40
N THR B 146 18.33 2.08 33.04
CA THR B 146 17.50 3.27 33.15
C THR B 146 16.64 3.17 34.39
N SER B 147 16.55 4.27 35.14
CA SER B 147 15.83 4.30 36.40
C SER B 147 14.36 4.72 36.24
N ASN B 148 13.92 5.01 35.02
CA ASN B 148 12.52 5.40 34.79
C ASN B 148 12.06 4.80 33.48
N LEU B 149 11.08 3.88 33.55
CA LEU B 149 10.59 3.17 32.39
C LEU B 149 9.08 3.34 32.27
N ARG B 150 8.61 3.51 31.04
CA ARG B 150 7.18 3.58 30.75
C ARG B 150 6.84 2.53 29.71
N ILE B 151 5.76 1.79 29.94
CA ILE B 151 5.38 0.64 29.12
C ILE B 151 3.98 0.87 28.58
N GLY B 152 3.79 0.59 27.28
CA GLY B 152 2.50 0.65 26.65
C GLY B 152 2.19 -0.64 25.91
N PHE B 153 0.94 -0.76 25.47
CA PHE B 153 0.49 -1.99 24.81
C PHE B 153 -0.49 -1.64 23.70
N GLY B 154 -0.41 -2.36 22.59
CA GLY B 154 -1.33 -2.20 21.48
C GLY B 154 -1.66 -3.53 20.83
N ALA B 155 -2.37 -3.50 19.71
CA ALA B 155 -2.75 -4.73 19.01
C ALA B 155 -3.20 -4.39 17.60
N PHE B 156 -3.40 -5.43 16.80
CA PHE B 156 -3.93 -5.34 15.45
C PHE B 156 -4.20 -6.74 14.93
N VAL B 157 -5.19 -6.87 14.06
CA VAL B 157 -5.34 -8.10 13.28
C VAL B 157 -5.35 -7.77 11.80
N ASP B 158 -6.40 -7.06 11.36
CA ASP B 158 -6.53 -6.61 9.98
C ASP B 158 -7.82 -5.79 9.82
N LYS B 159 -8.08 -5.30 8.61
CA LYS B 159 -9.30 -4.56 8.35
C LYS B 159 -10.51 -5.47 8.54
N PRO B 160 -11.46 -5.14 9.41
CA PRO B 160 -12.66 -5.98 9.56
C PRO B 160 -13.61 -5.79 8.38
N VAL B 161 -13.32 -6.51 7.31
CA VAL B 161 -14.01 -6.32 6.04
C VAL B 161 -13.79 -7.57 5.20
N SER B 162 -14.70 -7.80 4.25
CA SER B 162 -14.50 -8.89 3.29
C SER B 162 -13.38 -8.52 2.33
N PRO B 163 -12.56 -9.50 1.90
CA PRO B 163 -12.61 -10.93 2.22
C PRO B 163 -11.64 -11.34 3.33
N TYR B 164 -11.48 -10.55 4.38
CA TYR B 164 -10.59 -10.93 5.48
C TYR B 164 -11.31 -11.50 6.68
N MET B 165 -12.62 -11.36 6.79
CA MET B 165 -13.38 -11.81 7.95
C MET B 165 -14.46 -12.78 7.52
N TYR B 166 -14.96 -13.55 8.50
CA TYR B 166 -16.02 -14.52 8.26
C TYR B 166 -17.36 -13.79 8.36
N ILE B 167 -17.82 -13.27 7.22
CA ILE B 167 -19.10 -12.56 7.19
C ILE B 167 -20.29 -13.48 7.06
N SER B 168 -20.07 -14.80 6.99
CA SER B 168 -21.15 -15.74 6.80
C SER B 168 -20.99 -16.95 7.72
N PRO B 169 -22.08 -17.44 8.33
CA PRO B 169 -23.44 -16.92 8.27
C PRO B 169 -23.57 -15.69 9.16
N PRO B 170 -24.74 -15.06 9.29
CA PRO B 170 -24.86 -13.95 10.26
C PRO B 170 -24.47 -14.33 11.68
N GLU B 171 -24.48 -15.62 12.01
CA GLU B 171 -23.95 -16.07 13.29
C GLU B 171 -22.46 -15.82 13.39
N ALA B 172 -21.72 -16.08 12.31
CA ALA B 172 -20.27 -15.94 12.29
C ALA B 172 -19.80 -14.50 12.37
N LEU B 173 -20.68 -13.53 12.13
CA LEU B 173 -20.28 -12.13 12.22
C LEU B 173 -19.97 -11.71 13.65
N GLU B 174 -20.43 -12.46 14.64
CA GLU B 174 -20.09 -12.17 16.03
C GLU B 174 -18.82 -12.88 16.48
N ASN B 175 -18.48 -14.02 15.86
CA ASN B 175 -17.22 -14.70 16.11
C ASN B 175 -16.86 -15.53 14.88
N PRO B 176 -15.73 -15.25 14.23
CA PRO B 176 -15.36 -16.03 13.04
C PRO B 176 -15.17 -17.51 13.30
N CYS B 177 -14.54 -17.88 14.42
CA CYS B 177 -14.17 -19.28 14.62
C CYS B 177 -15.31 -20.09 15.23
N TYR B 178 -16.49 -19.99 14.63
CA TYR B 178 -17.65 -20.72 15.13
C TYR B 178 -17.60 -22.19 14.76
N ASP B 179 -17.04 -22.53 13.60
CA ASP B 179 -17.10 -23.89 13.09
C ASP B 179 -16.19 -24.87 13.82
N MET B 180 -15.11 -24.39 14.44
CA MET B 180 -14.21 -25.25 15.20
C MET B 180 -14.46 -25.20 16.70
N LYS B 181 -15.69 -24.88 17.12
CA LYS B 181 -16.09 -24.94 18.52
C LYS B 181 -15.18 -24.09 19.43
N THR B 182 -14.86 -22.90 18.97
CA THR B 182 -13.99 -21.98 19.70
C THR B 182 -14.61 -20.58 19.68
N THR B 183 -14.26 -19.79 20.69
CA THR B 183 -14.75 -18.42 20.80
C THR B 183 -13.59 -17.45 20.57
N CYS B 184 -13.76 -16.56 19.60
CA CYS B 184 -12.77 -15.54 19.29
C CYS B 184 -13.46 -14.21 19.05
N LEU B 185 -12.75 -13.12 19.34
CA LEU B 185 -13.32 -11.79 19.18
C LEU B 185 -13.48 -11.44 17.71
N PRO B 186 -14.39 -10.52 17.40
CA PRO B 186 -14.49 -10.02 16.02
C PRO B 186 -13.23 -9.26 15.62
N MET B 187 -13.02 -9.17 14.31
CA MET B 187 -11.81 -8.59 13.77
C MET B 187 -11.74 -7.09 14.03
N PHE B 188 -10.51 -6.57 14.10
CA PHE B 188 -10.26 -5.15 14.29
C PHE B 188 -8.94 -4.79 13.65
N GLY B 189 -8.86 -3.56 13.15
CA GLY B 189 -7.67 -3.08 12.47
C GLY B 189 -6.59 -2.60 13.42
N TYR B 190 -6.97 -1.74 14.37
CA TYR B 190 -6.07 -1.33 15.44
C TYR B 190 -6.90 -1.15 16.69
N LYS B 191 -6.36 -1.56 17.83
CA LYS B 191 -7.10 -1.46 19.10
C LYS B 191 -6.11 -1.07 20.19
N HIS B 192 -6.02 0.22 20.45
CA HIS B 192 -5.26 0.71 21.60
C HIS B 192 -5.87 0.18 22.88
N VAL B 193 -5.03 -0.35 23.77
CA VAL B 193 -5.47 -0.93 25.03
C VAL B 193 -4.88 -0.19 26.24
N LEU B 194 -3.59 0.16 26.17
CA LEU B 194 -2.90 0.75 27.31
C LEU B 194 -2.05 1.92 26.85
N THR B 195 -2.10 3.02 27.61
CA THR B 195 -1.21 4.15 27.40
C THR B 195 0.08 3.95 28.20
N LEU B 196 1.14 4.61 27.77
CA LEU B 196 2.43 4.46 28.44
C LEU B 196 2.38 5.12 29.80
N THR B 197 2.31 4.30 30.85
CA THR B 197 2.34 4.76 32.23
C THR B 197 3.54 4.14 32.94
N ASP B 198 4.15 4.89 33.85
CA ASP B 198 5.29 4.39 34.60
C ASP B 198 4.93 3.26 35.55
N GLN B 199 3.65 3.02 35.80
CA GLN B 199 3.24 1.91 36.64
C GLN B 199 3.49 0.60 35.91
N VAL B 200 4.24 -0.30 36.55
CA VAL B 200 4.61 -1.56 35.90
C VAL B 200 3.40 -2.49 35.81
N THR B 201 2.47 -2.40 36.76
CA THR B 201 1.35 -3.34 36.83
C THR B 201 0.33 -3.15 35.72
N ARG B 202 0.38 -2.03 34.99
CA ARG B 202 -0.61 -1.79 33.95
C ARG B 202 -0.49 -2.79 32.82
N PHE B 203 0.74 -3.10 32.40
CA PHE B 203 0.93 -4.09 31.34
C PHE B 203 0.53 -5.48 31.80
N ASN B 204 0.78 -5.81 33.07
CA ASN B 204 0.40 -7.13 33.58
C ASN B 204 -1.11 -7.31 33.58
N GLU B 205 -1.85 -6.28 33.98
CA GLU B 205 -3.31 -6.41 34.05
C GLU B 205 -3.95 -6.33 32.67
N GLU B 206 -3.40 -5.52 31.76
CA GLU B 206 -3.98 -5.39 30.43
C GLU B 206 -3.89 -6.71 29.67
N VAL B 207 -2.76 -7.39 29.76
CA VAL B 207 -2.58 -8.71 29.16
C VAL B 207 -3.37 -9.69 30.03
N LYS B 208 -3.72 -10.85 29.45
CA LYS B 208 -4.51 -11.92 30.07
C LYS B 208 -5.99 -11.54 30.11
N LYS B 209 -6.29 -10.30 29.70
CA LYS B 209 -7.65 -9.86 29.44
C LYS B 209 -7.99 -9.85 27.96
N GLN B 210 -7.02 -9.53 27.12
CA GLN B 210 -7.25 -9.50 25.68
C GLN B 210 -7.29 -10.91 25.11
N SER B 211 -8.14 -11.11 24.10
CA SER B 211 -8.29 -12.38 23.41
C SER B 211 -7.71 -12.28 22.01
N VAL B 212 -7.90 -13.34 21.22
CA VAL B 212 -7.29 -13.48 19.90
C VAL B 212 -8.40 -13.51 18.85
N SER B 213 -8.24 -12.69 17.81
CA SER B 213 -9.19 -12.64 16.71
C SER B 213 -8.81 -13.68 15.65
N ARG B 214 -9.42 -13.59 14.48
CA ARG B 214 -9.18 -14.56 13.42
C ARG B 214 -9.44 -13.93 12.06
N ASN B 215 -8.41 -13.84 11.23
CA ASN B 215 -8.53 -13.36 9.86
C ASN B 215 -8.10 -14.47 8.91
N ARG B 216 -8.59 -14.40 7.67
CA ARG B 216 -8.41 -15.51 6.74
C ARG B 216 -6.98 -15.61 6.24
N ASP B 217 -6.50 -14.60 5.53
CA ASP B 217 -5.21 -14.72 4.87
C ASP B 217 -4.07 -14.58 5.89
N ALA B 218 -2.85 -14.73 5.38
CA ALA B 218 -1.65 -14.75 6.22
C ALA B 218 -1.21 -13.36 6.67
N PRO B 219 -1.09 -12.36 5.79
CA PRO B 219 -0.62 -11.05 6.24
C PRO B 219 -1.63 -10.38 7.17
N GLU B 220 -1.12 -9.42 7.94
CA GLU B 220 -1.91 -8.73 8.94
C GLU B 220 -1.80 -7.22 8.76
N GLY B 221 -2.65 -6.48 9.46
CA GLY B 221 -2.63 -5.04 9.41
C GLY B 221 -1.78 -4.43 10.49
N GLY B 222 -0.48 -4.73 10.49
CA GLY B 222 0.41 -4.18 11.49
C GLY B 222 0.80 -2.75 11.21
N PHE B 223 0.93 -2.40 9.93
CA PHE B 223 1.33 -1.06 9.56
C PHE B 223 0.29 -0.03 9.99
N ASP B 224 -0.99 -0.40 9.95
CA ASP B 224 -2.04 0.48 10.45
C ASP B 224 -1.86 0.78 11.93
N ALA B 225 -1.45 -0.22 12.71
CA ALA B 225 -1.32 -0.04 14.15
C ALA B 225 -0.09 0.79 14.49
N ILE B 226 0.97 0.70 13.68
CA ILE B 226 2.19 1.42 13.98
C ILE B 226 2.00 2.92 13.80
N MET B 227 1.30 3.33 12.74
CA MET B 227 1.03 4.77 12.57
C MET B 227 0.22 5.33 13.72
N GLN B 228 -0.82 4.62 14.15
CA GLN B 228 -1.62 5.11 15.26
C GLN B 228 -0.80 5.17 16.54
N ALA B 229 0.28 4.39 16.62
CA ALA B 229 1.24 4.55 17.69
C ALA B 229 2.11 5.79 17.47
N THR B 230 2.53 6.01 16.23
CA THR B 230 3.48 7.09 15.95
C THR B 230 2.85 8.46 16.17
N VAL B 231 1.68 8.70 15.58
CA VAL B 231 1.14 10.05 15.50
C VAL B 231 0.16 10.41 16.62
N CYS B 232 -0.41 9.43 17.32
CA CYS B 232 -1.31 9.71 18.42
C CYS B 232 -0.52 9.93 19.71
N ASP B 233 0.34 10.95 19.68
CA ASP B 233 1.23 11.21 20.81
C ASP B 233 0.45 11.56 22.07
N GLU B 234 -0.55 12.43 21.95
CA GLU B 234 -1.36 12.79 23.10
C GLU B 234 -2.20 11.61 23.58
N LYS B 235 -2.71 10.80 22.64
CA LYS B 235 -3.54 9.66 23.00
C LYS B 235 -2.76 8.65 23.84
N ILE B 236 -1.52 8.37 23.46
CA ILE B 236 -0.75 7.33 24.14
C ILE B 236 0.12 7.94 25.23
N GLY B 237 0.66 9.14 24.98
CA GLY B 237 1.45 9.81 25.99
C GLY B 237 2.97 9.78 25.78
N TRP B 238 3.42 10.09 24.56
CA TRP B 238 4.85 10.21 24.30
C TRP B 238 5.46 11.31 25.16
N ARG B 239 6.63 11.03 25.73
CA ARG B 239 7.41 12.05 26.44
C ARG B 239 8.31 12.77 25.46
N ASN B 240 8.41 14.09 25.59
CA ASN B 240 9.25 14.88 24.71
C ASN B 240 10.72 14.86 25.12
N ASP B 241 11.04 14.41 26.32
CA ASP B 241 12.41 14.43 26.85
C ASP B 241 12.94 13.02 27.09
N ALA B 242 12.69 12.12 26.14
CA ALA B 242 13.10 10.74 26.28
C ALA B 242 13.41 10.15 24.90
N SER B 243 13.87 8.90 24.91
CA SER B 243 14.10 8.15 23.69
C SER B 243 13.06 7.04 23.61
N HIS B 244 12.36 6.99 22.48
CA HIS B 244 11.18 6.14 22.33
C HIS B 244 11.52 4.87 21.58
N LEU B 245 11.15 3.72 22.15
CA LEU B 245 11.33 2.43 21.52
C LEU B 245 9.97 1.82 21.22
N LEU B 246 9.75 1.45 19.96
CA LEU B 246 8.50 0.87 19.50
C LEU B 246 8.76 -0.58 19.11
N VAL B 247 8.29 -1.51 19.93
CA VAL B 247 8.48 -2.94 19.68
C VAL B 247 7.27 -3.46 18.93
N PHE B 248 7.50 -3.98 17.73
CA PHE B 248 6.43 -4.45 16.84
C PHE B 248 6.65 -5.94 16.59
N THR B 249 5.81 -6.77 17.21
CA THR B 249 5.98 -8.22 17.21
C THR B 249 4.97 -8.86 16.26
N THR B 250 5.47 -9.72 15.38
CA THR B 250 4.61 -10.48 14.49
C THR B 250 5.31 -11.78 14.14
N ASP B 251 4.54 -12.75 13.63
CA ASP B 251 5.08 -14.00 13.16
C ASP B 251 4.83 -14.28 11.69
N ALA B 252 3.94 -13.51 11.05
CA ALA B 252 3.61 -13.71 9.65
C ALA B 252 3.85 -12.41 8.89
N LYS B 253 3.47 -12.42 7.62
CA LYS B 253 3.67 -11.27 6.75
C LYS B 253 2.76 -10.11 7.19
N THR B 254 2.97 -8.95 6.58
CA THR B 254 2.19 -7.76 6.88
C THR B 254 1.67 -7.15 5.58
N HIS B 255 0.72 -6.22 5.71
CA HIS B 255 0.00 -5.66 4.59
C HIS B 255 0.57 -4.30 4.20
N ILE B 256 0.43 -3.97 2.92
CA ILE B 256 0.97 -2.76 2.33
C ILE B 256 -0.15 -2.05 1.57
N ALA B 257 0.23 -0.98 0.86
CA ALA B 257 -0.71 -0.20 0.08
C ALA B 257 -1.29 -1.01 -1.09
N LEU B 258 -2.48 -0.61 -1.51
CA LEU B 258 -3.29 -1.33 -2.50
C LEU B 258 -3.46 -2.81 -2.14
N ASP B 259 -3.53 -3.06 -0.84
CA ASP B 259 -4.28 -4.19 -0.32
C ASP B 259 -5.70 -3.73 -0.02
N GLY B 260 -6.02 -2.52 -0.46
CA GLY B 260 -7.32 -1.90 -0.27
C GLY B 260 -8.38 -2.35 -1.27
N ARG B 261 -8.10 -2.23 -2.57
CA ARG B 261 -9.09 -2.58 -3.58
C ARG B 261 -9.55 -4.02 -3.44
N LEU B 262 -8.74 -4.90 -2.88
CA LEU B 262 -9.18 -6.26 -2.59
C LEU B 262 -10.28 -6.28 -1.55
N ALA B 263 -10.44 -5.19 -0.80
CA ALA B 263 -11.52 -5.09 0.17
C ALA B 263 -12.43 -3.90 -0.09
N GLY B 264 -12.19 -3.13 -1.14
CA GLY B 264 -12.96 -1.93 -1.41
C GLY B 264 -12.65 -0.77 -0.49
N ILE B 265 -11.47 -0.75 0.11
CA ILE B 265 -11.09 0.29 1.06
C ILE B 265 -9.94 1.07 0.41
N VAL B 266 -10.29 2.19 -0.22
CA VAL B 266 -9.36 2.78 -1.18
C VAL B 266 -8.76 4.08 -0.65
N GLN B 267 -9.39 4.70 0.34
CA GLN B 267 -8.86 5.97 0.85
C GLN B 267 -7.52 5.75 1.53
N PRO B 268 -6.45 6.40 1.07
CA PRO B 268 -5.13 6.16 1.66
C PRO B 268 -4.99 6.75 3.04
N ASN B 269 -4.05 6.18 3.80
CA ASN B 269 -3.77 6.66 5.14
C ASN B 269 -3.09 8.03 5.09
N ASP B 270 -3.39 8.86 6.09
CA ASP B 270 -2.68 10.12 6.28
C ASP B 270 -2.15 10.16 7.71
N GLY B 271 -1.19 11.03 7.94
CA GLY B 271 -0.51 11.10 9.23
C GLY B 271 -1.38 11.49 10.41
N GLN B 272 -2.67 11.70 10.16
CA GLN B 272 -3.58 12.13 11.22
C GLN B 272 -3.86 10.98 12.18
N CYS B 273 -4.36 11.34 13.36
CA CYS B 273 -4.70 10.38 14.40
C CYS B 273 -6.22 10.19 14.41
N HIS B 274 -6.67 8.99 14.04
CA HIS B 274 -8.10 8.70 13.94
C HIS B 274 -8.61 7.86 15.11
N VAL B 275 -7.83 7.70 16.16
CA VAL B 275 -8.27 6.97 17.34
C VAL B 275 -9.15 7.89 18.18
N GLY B 276 -10.43 7.58 18.26
CA GLY B 276 -11.38 8.38 19.00
C GLY B 276 -11.39 8.05 20.48
N SER B 277 -12.50 8.42 21.13
CA SER B 277 -12.65 8.18 22.57
C SER B 277 -12.84 6.71 22.91
N ASP B 278 -13.05 5.85 21.91
CA ASP B 278 -13.29 4.43 22.15
C ASP B 278 -12.00 3.61 22.13
N ASN B 279 -10.84 4.24 22.00
CA ASN B 279 -9.55 3.55 21.88
C ASN B 279 -9.58 2.55 20.73
N HIS B 280 -9.98 3.06 19.57
CA HIS B 280 -10.15 2.21 18.39
C HIS B 280 -9.81 3.01 17.14
N TYR B 281 -9.27 2.31 16.15
CA TYR B 281 -8.97 2.91 14.84
C TYR B 281 -10.30 3.10 14.14
N SER B 282 -10.95 4.24 14.39
CA SER B 282 -12.32 4.45 13.93
C SER B 282 -12.43 4.39 12.41
N ALA B 283 -11.36 4.76 11.70
CA ALA B 283 -11.36 4.75 10.24
C ALA B 283 -10.71 3.50 9.67
N SER B 284 -10.85 2.37 10.37
CA SER B 284 -10.19 1.13 9.94
C SER B 284 -10.73 0.66 8.59
N THR B 285 -12.04 0.67 8.42
CA THR B 285 -12.68 0.12 7.24
C THR B 285 -12.82 1.12 6.10
N THR B 286 -12.31 2.33 6.25
CA THR B 286 -12.32 3.32 5.19
C THR B 286 -10.94 3.81 4.79
N MET B 287 -9.91 3.60 5.62
CA MET B 287 -8.56 4.02 5.34
C MET B 287 -7.71 2.86 4.84
N ASP B 288 -6.78 3.16 3.94
CA ASP B 288 -5.88 2.16 3.40
C ASP B 288 -4.75 1.87 4.38
N TYR B 289 -3.74 1.16 3.93
CA TYR B 289 -2.55 0.86 4.72
C TYR B 289 -1.47 1.91 4.48
N PRO B 290 -0.59 2.14 5.47
CA PRO B 290 0.44 3.16 5.29
C PRO B 290 1.65 2.64 4.55
N SER B 291 2.29 3.52 3.78
CA SER B 291 3.46 3.17 2.99
C SER B 291 4.72 3.37 3.80
N LEU B 292 5.88 3.20 3.16
CA LEU B 292 7.15 3.32 3.86
C LEU B 292 7.47 4.76 4.23
N GLY B 293 7.20 5.71 3.34
CA GLY B 293 7.38 7.11 3.69
C GLY B 293 6.46 7.61 4.77
N LEU B 294 5.19 7.19 4.74
CA LEU B 294 4.27 7.41 5.83
C LEU B 294 4.65 6.64 7.08
N MET B 295 5.26 5.49 6.97
CA MET B 295 5.26 4.62 8.16
C MET B 295 6.18 5.27 9.12
N THR B 296 7.34 5.81 8.77
CA THR B 296 8.18 6.55 9.75
C THR B 296 8.93 7.51 8.87
N GLU B 297 8.60 8.82 8.96
CA GLU B 297 9.01 9.97 8.14
C GLU B 297 7.80 10.63 8.62
N LYS B 298 7.54 10.35 9.86
CA LYS B 298 6.45 10.48 10.61
C LYS B 298 7.06 9.67 11.74
N LEU B 299 7.88 8.60 11.74
CA LEU B 299 8.49 8.16 13.09
C LEU B 299 9.84 8.57 13.43
N SER B 300 10.52 8.93 12.39
CA SER B 300 11.63 9.84 12.62
C SER B 300 11.16 11.20 13.14
N GLN B 301 10.01 11.68 12.65
CA GLN B 301 9.55 13.02 13.03
C GLN B 301 9.26 13.11 14.52
N LYS B 302 8.77 12.03 15.11
CA LYS B 302 8.44 11.99 16.53
C LYS B 302 9.59 11.48 17.39
N ASN B 303 10.79 11.34 16.82
CA ASN B 303 11.98 10.88 17.54
C ASN B 303 11.74 9.52 18.18
N ILE B 304 11.51 8.52 17.32
CA ILE B 304 11.06 7.21 17.74
C ILE B 304 11.97 6.17 17.10
N ASN B 305 12.23 5.09 17.83
CA ASN B 305 13.02 3.98 17.31
C ASN B 305 12.12 2.75 17.22
N LEU B 306 12.11 2.12 16.05
CA LEU B 306 11.27 0.95 15.79
C LEU B 306 12.11 -0.31 15.83
N ILE B 307 11.59 -1.34 16.49
CA ILE B 307 12.30 -2.61 16.67
C ILE B 307 11.40 -3.73 16.19
N PHE B 308 11.74 -4.31 15.04
CA PHE B 308 11.04 -5.51 14.58
C PHE B 308 11.36 -6.69 15.49
N ALA B 309 10.35 -7.52 15.75
CA ALA B 309 10.50 -8.75 16.53
C ALA B 309 9.69 -9.83 15.82
N VAL B 310 10.34 -10.55 14.90
CA VAL B 310 9.67 -11.45 13.99
C VAL B 310 10.31 -12.83 14.05
N THR B 311 9.57 -13.82 13.57
CA THR B 311 10.01 -15.20 13.60
C THR B 311 10.99 -15.49 12.46
N GLU B 312 11.64 -16.64 12.55
CA GLU B 312 12.74 -16.98 11.64
C GLU B 312 12.24 -17.12 10.20
N ASN B 313 11.06 -17.70 10.01
CA ASN B 313 10.55 -17.92 8.66
C ASN B 313 10.27 -16.62 7.91
N VAL B 314 10.23 -15.48 8.59
CA VAL B 314 9.94 -14.20 7.95
C VAL B 314 11.01 -13.19 8.32
N VAL B 315 11.99 -13.62 9.14
CA VAL B 315 13.04 -12.71 9.59
C VAL B 315 13.93 -12.27 8.44
N ASN B 316 13.86 -12.98 7.31
CA ASN B 316 14.75 -12.66 6.20
C ASN B 316 14.40 -11.33 5.56
N LEU B 317 13.11 -11.10 5.29
CA LEU B 317 12.72 -9.82 4.68
C LEU B 317 12.87 -8.66 5.66
N TYR B 318 12.49 -8.86 6.92
CA TYR B 318 12.58 -7.78 7.89
C TYR B 318 14.03 -7.34 8.08
N GLN B 319 14.96 -8.28 8.21
CA GLN B 319 16.37 -7.95 8.20
C GLN B 319 16.79 -7.37 6.85
N ASN B 320 16.06 -7.71 5.79
CA ASN B 320 16.28 -7.09 4.49
C ASN B 320 15.53 -5.78 4.34
N TYR B 321 14.68 -5.43 5.31
CA TYR B 321 13.82 -4.27 5.21
C TYR B 321 14.25 -3.13 6.13
N SER B 322 15.02 -3.40 7.17
CA SER B 322 15.52 -2.35 8.05
C SER B 322 16.55 -1.46 7.35
N GLU B 323 17.03 -1.85 6.18
CA GLU B 323 17.93 -0.99 5.41
C GLU B 323 17.25 0.28 4.94
N LEU B 324 15.98 0.21 4.52
CA LEU B 324 15.32 1.36 3.93
C LEU B 324 14.60 2.22 4.97
N ILE B 325 14.50 1.77 6.21
CA ILE B 325 13.95 2.56 7.30
C ILE B 325 14.99 2.64 8.42
N PRO B 326 15.47 3.83 8.76
CA PRO B 326 16.59 3.94 9.70
C PRO B 326 16.14 3.76 11.15
N GLY B 327 17.13 3.61 12.02
CA GLY B 327 16.87 3.43 13.44
C GLY B 327 16.12 2.18 13.78
N THR B 328 16.33 1.09 13.04
CA THR B 328 15.57 -0.13 13.23
C THR B 328 16.52 -1.32 13.37
N THR B 329 16.20 -2.20 14.32
CA THR B 329 17.02 -3.38 14.61
C THR B 329 16.11 -4.60 14.59
N VAL B 330 16.26 -5.45 13.57
CA VAL B 330 15.45 -6.64 13.46
C VAL B 330 16.00 -7.73 14.37
N GLY B 331 15.11 -8.58 14.88
CA GLY B 331 15.49 -9.67 15.74
C GLY B 331 14.71 -10.92 15.42
N VAL B 332 14.96 -11.96 16.23
CA VAL B 332 14.33 -13.26 16.06
C VAL B 332 13.46 -13.52 17.29
N LEU B 333 12.18 -13.80 17.06
CA LEU B 333 11.22 -14.06 18.13
C LEU B 333 10.87 -15.54 18.13
N SER B 334 11.15 -16.23 19.23
CA SER B 334 10.73 -17.61 19.37
C SER B 334 9.20 -17.69 19.35
N MET B 335 8.68 -18.69 18.65
CA MET B 335 7.26 -18.76 18.35
C MET B 335 6.40 -18.89 19.61
N ASP B 336 7.02 -18.98 20.77
CA ASP B 336 6.32 -18.88 22.05
C ASP B 336 6.50 -17.52 22.71
N SER B 337 7.15 -16.58 22.02
CA SER B 337 7.40 -15.22 22.55
C SER B 337 8.14 -15.25 23.87
N SER B 338 9.04 -16.22 24.03
CA SER B 338 9.94 -16.28 25.17
C SER B 338 11.29 -15.64 24.89
N ASN B 339 11.51 -15.14 23.68
CA ASN B 339 12.76 -14.51 23.29
C ASN B 339 12.59 -13.05 22.90
N VAL B 340 11.55 -12.38 23.44
CA VAL B 340 11.35 -10.98 23.12
C VAL B 340 11.95 -10.08 24.21
N LEU B 341 12.01 -10.57 25.45
CA LEU B 341 12.61 -9.79 26.52
C LEU B 341 14.08 -9.53 26.26
N GLN B 342 14.82 -10.56 25.84
CA GLN B 342 16.22 -10.38 25.51
C GLN B 342 16.40 -9.63 24.19
N LEU B 343 15.41 -9.73 23.29
CA LEU B 343 15.50 -9.05 22.02
C LEU B 343 15.46 -7.53 22.19
N ILE B 344 14.52 -7.04 23.00
CA ILE B 344 14.34 -5.60 23.15
C ILE B 344 15.53 -4.99 23.88
N VAL B 345 16.07 -5.70 24.87
CA VAL B 345 17.21 -5.17 25.63
C VAL B 345 18.43 -5.03 24.73
N ASP B 346 18.72 -6.07 23.95
CA ASP B 346 19.88 -6.02 23.04
C ASP B 346 19.66 -5.05 21.90
N ALA B 347 18.39 -4.85 21.49
CA ALA B 347 18.10 -3.92 20.41
C ALA B 347 18.46 -2.49 20.80
N TYR B 348 18.17 -2.10 22.04
CA TYR B 348 18.51 -0.75 22.49
C TYR B 348 20.02 -0.57 22.58
N GLY B 349 20.74 -1.60 23.00
CA GLY B 349 22.19 -1.49 23.10
C GLY B 349 22.84 -1.15 21.77
N LYS B 350 22.35 -1.74 20.67
CA LYS B 350 22.87 -1.40 19.36
C LYS B 350 22.41 -0.02 18.93
N ILE B 351 21.13 0.31 19.17
CA ILE B 351 20.61 1.60 18.74
C ILE B 351 21.16 2.73 19.60
N ARG B 352 21.69 2.42 20.78
CA ARG B 352 22.25 3.45 21.65
C ARG B 352 23.69 3.76 21.27
N SER B 353 24.49 2.72 21.07
CA SER B 353 25.89 2.90 20.69
C SER B 353 26.05 2.90 19.17
N LYS B 354 25.21 3.67 18.49
CA LYS B 354 25.28 3.86 17.05
C LYS B 354 25.01 5.31 16.71
N VAL B 355 25.70 6.22 17.41
CA VAL B 355 25.43 7.65 17.33
C VAL B 355 25.44 8.09 15.87
N GLU B 356 24.30 8.57 15.38
CA GLU B 356 24.18 9.12 14.05
C GLU B 356 24.02 10.63 14.15
N LEU B 357 23.78 11.28 13.01
CA LEU B 357 23.63 12.73 12.97
C LEU B 357 22.64 13.05 11.85
N GLU B 358 21.37 13.22 12.23
CA GLU B 358 20.32 13.56 11.27
C GLU B 358 20.13 15.07 11.24
N VAL B 359 20.01 15.61 10.03
CA VAL B 359 19.86 17.04 9.81
C VAL B 359 18.44 17.28 9.33
N ARG B 360 17.70 18.13 10.06
CA ARG B 360 16.31 18.43 9.75
C ARG B 360 16.18 19.89 9.34
N ASP B 361 15.24 20.16 8.44
CA ASP B 361 14.94 21.51 7.98
C ASP B 361 16.18 22.21 7.44
N LEU B 362 16.97 21.48 6.65
CA LEU B 362 18.17 22.05 6.05
C LEU B 362 17.82 22.73 4.73
N PRO B 363 17.95 24.04 4.62
CA PRO B 363 17.67 24.70 3.33
C PRO B 363 18.68 24.30 2.27
N GLU B 364 18.22 24.32 1.02
CA GLU B 364 19.05 23.90 -0.10
C GLU B 364 20.18 24.87 -0.40
N GLU B 365 20.19 26.05 0.20
CA GLU B 365 21.24 27.03 -0.07
C GLU B 365 22.60 26.58 0.45
N LEU B 366 22.64 25.62 1.37
CA LEU B 366 23.89 25.17 1.96
C LEU B 366 23.84 23.67 2.21
N SER B 367 25.03 23.07 2.29
CA SER B 367 25.20 21.66 2.59
C SER B 367 26.17 21.50 3.75
N LEU B 368 26.24 20.28 4.28
CA LEU B 368 27.05 19.99 5.46
C LEU B 368 28.07 18.91 5.13
N SER B 369 29.30 19.11 5.61
CA SER B 369 30.37 18.14 5.47
C SER B 369 30.74 17.61 6.85
N PHE B 370 30.81 16.29 6.97
CA PHE B 370 30.89 15.64 8.27
C PHE B 370 32.22 14.93 8.47
N ASN B 371 32.82 15.15 9.63
CA ASN B 371 33.97 14.38 10.10
C ASN B 371 33.65 13.86 11.49
N ALA B 372 34.23 12.71 11.83
CA ALA B 372 33.93 12.02 13.08
C ALA B 372 35.19 11.86 13.92
N THR B 373 35.03 11.98 15.24
CA THR B 373 36.08 11.69 16.21
C THR B 373 35.45 10.74 17.23
N CYS B 374 35.47 9.46 16.92
CA CYS B 374 34.83 8.43 17.74
C CYS B 374 35.77 8.04 18.88
N LEU B 375 35.50 6.91 19.53
CA LEU B 375 36.36 6.43 20.62
C LEU B 375 37.80 6.32 20.14
N ASN B 376 38.73 6.70 21.03
CA ASN B 376 40.15 6.85 20.73
C ASN B 376 40.37 8.03 19.80
N ASN B 377 41.54 8.67 19.90
CA ASN B 377 41.79 9.92 19.19
C ASN B 377 41.85 9.76 17.68
N GLU B 378 41.81 8.53 17.16
CA GLU B 378 41.77 8.34 15.72
C GLU B 378 40.52 8.97 15.13
N VAL B 379 40.69 9.72 14.03
CA VAL B 379 39.59 10.39 13.37
C VAL B 379 39.30 9.67 12.05
N ILE B 380 38.04 9.73 11.64
CA ILE B 380 37.60 9.09 10.40
C ILE B 380 36.99 10.16 9.50
N PRO B 381 37.74 10.70 8.54
CA PRO B 381 37.17 11.71 7.64
C PRO B 381 36.05 11.17 6.79
N GLY B 382 35.07 12.04 6.52
CA GLY B 382 33.91 11.66 5.74
C GLY B 382 33.01 10.65 6.41
N LEU B 383 32.87 10.72 7.72
CA LEU B 383 31.99 9.82 8.47
C LEU B 383 31.12 10.64 9.40
N LYS B 384 29.82 10.39 9.37
CA LYS B 384 28.85 11.12 10.18
C LYS B 384 28.24 10.27 11.29
N SER B 385 28.80 9.10 11.57
CA SER B 385 28.26 8.23 12.60
C SER B 385 29.38 7.36 13.17
N CYS B 386 29.31 7.12 14.48
CA CYS B 386 30.27 6.26 15.17
C CYS B 386 29.54 5.07 15.79
N MET B 387 30.18 3.91 15.71
CA MET B 387 29.61 2.66 16.20
C MET B 387 30.48 2.12 17.34
N GLY B 388 29.96 1.08 17.99
CA GLY B 388 30.71 0.40 19.05
C GLY B 388 30.99 1.26 20.26
N LEU B 389 30.00 2.04 20.70
CA LEU B 389 30.16 2.88 21.89
C LEU B 389 29.64 2.11 23.10
N LYS B 390 29.55 2.78 24.25
CA LYS B 390 28.93 2.20 25.43
C LYS B 390 28.34 3.35 26.26
N ILE B 391 28.01 3.06 27.52
CA ILE B 391 27.31 4.01 28.37
C ILE B 391 28.25 5.15 28.75
N GLY B 392 27.78 6.39 28.55
CA GLY B 392 28.50 7.57 28.97
C GLY B 392 29.58 8.04 28.02
N ASP B 393 29.70 7.43 26.85
CA ASP B 393 30.77 7.80 25.93
C ASP B 393 30.58 9.20 25.37
N THR B 394 31.68 9.95 25.32
CA THR B 394 31.71 11.26 24.69
C THR B 394 32.33 11.14 23.30
N VAL B 395 31.55 11.43 22.27
CA VAL B 395 32.00 11.33 20.89
C VAL B 395 31.85 12.70 20.25
N SER B 396 32.94 13.24 19.72
CA SER B 396 32.95 14.54 19.08
C SER B 396 32.65 14.40 17.60
N PHE B 397 32.26 15.51 16.99
CA PHE B 397 32.02 15.58 15.55
C PHE B 397 32.53 16.91 15.02
N SER B 398 32.70 16.97 13.70
CA SER B 398 33.10 18.20 13.03
C SER B 398 32.22 18.38 11.79
N ILE B 399 31.54 19.51 11.72
CA ILE B 399 30.67 19.84 10.59
C ILE B 399 31.16 21.14 9.98
N GLU B 400 31.32 21.13 8.66
CA GLU B 400 31.68 22.33 7.90
C GLU B 400 30.48 22.73 7.05
N ALA B 401 30.00 23.96 7.24
CA ALA B 401 28.84 24.47 6.52
C ALA B 401 29.31 25.38 5.38
N LYS B 402 28.83 25.11 4.17
CA LYS B 402 29.21 25.87 2.99
C LYS B 402 27.96 26.40 2.32
N VAL B 403 27.88 27.71 2.14
CA VAL B 403 26.77 28.34 1.43
C VAL B 403 27.26 28.79 0.06
N ARG B 404 26.31 28.99 -0.84
CA ARG B 404 26.59 29.41 -2.21
C ARG B 404 26.17 30.86 -2.35
N GLY B 405 27.15 31.75 -2.47
CA GLY B 405 26.86 33.18 -2.54
C GLY B 405 26.20 33.65 -1.26
N CYS B 406 25.15 34.45 -1.40
CA CYS B 406 24.40 34.93 -0.25
C CYS B 406 22.91 34.88 -0.52
N PRO B 407 22.17 34.01 0.18
CA PRO B 407 20.72 33.95 -0.02
C PRO B 407 20.03 35.20 0.51
N GLN B 408 18.87 35.49 -0.06
CA GLN B 408 18.08 36.65 0.33
C GLN B 408 17.08 36.32 1.43
N GLU B 409 17.57 35.70 2.50
CA GLU B 409 16.77 35.40 3.68
C GLU B 409 17.36 35.96 4.96
N LYS B 410 18.68 35.91 5.12
CA LYS B 410 19.41 36.54 6.22
C LYS B 410 19.05 35.93 7.58
N GLU B 411 18.18 34.93 7.61
CA GLU B 411 17.83 34.25 8.86
C GLU B 411 17.23 32.90 8.53
N LYS B 412 17.96 31.83 8.88
CA LYS B 412 17.46 30.47 8.74
C LYS B 412 17.96 29.65 9.91
N SER B 413 17.23 28.57 10.21
CA SER B 413 17.57 27.73 11.36
C SER B 413 17.30 26.28 11.03
N PHE B 414 18.33 25.44 11.16
CA PHE B 414 18.20 24.00 11.00
C PHE B 414 18.78 23.34 12.25
N THR B 415 18.46 22.06 12.44
CA THR B 415 18.81 21.35 13.65
C THR B 415 19.74 20.19 13.35
N ILE B 416 20.76 20.03 14.18
CA ILE B 416 21.68 18.89 14.12
C ILE B 416 21.33 18.00 15.31
N LYS B 417 20.79 16.81 15.01
CA LYS B 417 20.18 16.02 16.06
C LYS B 417 20.66 14.57 16.00
N PRO B 418 20.93 13.96 17.15
CA PRO B 418 21.10 12.50 17.18
C PRO B 418 19.74 11.81 17.08
N VAL B 419 19.66 10.77 16.24
CA VAL B 419 18.38 10.16 15.95
C VAL B 419 17.74 9.60 17.22
N GLY B 420 16.44 9.80 17.35
CA GLY B 420 15.71 9.32 18.50
C GLY B 420 16.05 10.02 19.80
N PHE B 421 16.49 11.28 19.73
CA PHE B 421 16.88 12.00 20.93
C PHE B 421 16.36 13.42 20.83
N LYS B 422 15.87 13.94 21.97
CA LYS B 422 15.25 15.27 21.96
C LYS B 422 16.26 16.37 21.68
N ASP B 423 17.38 16.38 22.39
CA ASP B 423 18.31 17.49 22.32
C ASP B 423 18.95 17.57 20.95
N SER B 424 19.05 18.80 20.43
CA SER B 424 19.64 19.04 19.12
C SER B 424 20.27 20.42 19.12
N LEU B 425 21.21 20.61 18.20
CA LEU B 425 21.86 21.90 18.01
C LEU B 425 20.99 22.75 17.09
N ILE B 426 20.35 23.77 17.66
CA ILE B 426 19.50 24.67 16.89
C ILE B 426 20.43 25.71 16.26
N VAL B 427 20.98 25.38 15.11
CA VAL B 427 21.96 26.23 14.45
C VAL B 427 21.21 27.30 13.66
N GLN B 428 21.59 28.56 13.88
CA GLN B 428 20.97 29.69 13.21
C GLN B 428 22.00 30.31 12.27
N VAL B 429 21.71 30.31 10.97
CA VAL B 429 22.64 30.80 9.96
C VAL B 429 22.16 32.15 9.45
N THR B 430 23.05 33.13 9.46
CA THR B 430 22.78 34.47 8.97
C THR B 430 23.85 34.86 7.96
N PHE B 431 23.51 35.82 7.10
CA PHE B 431 24.42 36.30 6.07
C PHE B 431 24.55 37.81 6.15
N ASP B 432 25.71 38.31 5.73
CA ASP B 432 25.97 39.74 5.74
C ASP B 432 26.70 40.16 4.47
CA CA C . 9.79 -3.63 -28.30
CA CA D . 1.74 -16.54 -27.25
CA CA E . 4.82 9.13 -28.86
CA CA F . -8.51 15.17 -29.59
MG MG G . -2.09 -15.48 11.24
CA CA H . -5.23 -10.46 7.01
CA CA I . 3.28 -18.46 18.13
#